data_7PEY
#
_entry.id   7PEY
#
_cell.length_a   1.00
_cell.length_b   1.00
_cell.length_c   1.00
_cell.angle_alpha   90.00
_cell.angle_beta   90.00
_cell.angle_gamma   90.00
#
_symmetry.space_group_name_H-M   'P 1'
#
loop_
_entity.id
_entity.type
_entity.pdbx_description
1 polymer 'Histone H3.2'
2 polymer 'Histone H4'
3 polymer 'Histone H2A type 1-B/E'
4 polymer 'Histone H2B type 1-K'
5 polymer 'DNA (203-MER)'
6 polymer 'DNA (202-MER)'
#
loop_
_entity_poly.entity_id
_entity_poly.type
_entity_poly.pdbx_seq_one_letter_code
_entity_poly.pdbx_strand_id
1 'polypeptide(L)'
;MARTKQTARKSTGGKAPRKQLATKAARKSAPATGGVKKPHRYRPGTVALREIRRYQKSTELLIRKLPFQRLVREIAQDFK
TDLRFQSSAVMALQEASEAYLVGLFEDTNLAAIHAKRVTIMPKDIQLARRIRGERA
;
K,O
2 'polypeptide(L)'
;MSGRGKGGKGLGKGGAKRHRKVLRDNIQGITKPAIRRLARRGGVKRISGLIYEETRGVLKVFLENVIRDAVTYTEHAKRK
TVTAMDVVYALKRQGRTLYGFGG
;
L,P
3 'polypeptide(L)'
;HHHHHHENLYFQSNAPWMSGRGKQGGKARAKAKTRSSRAGLQFPVGRVHRLLRKGNYSERVGAGAPVYLAAVLEYLTAEI
LELAGNAARDNKKTRIIPRHLQLAIRNDEELNKLLGRVTIAQGGVLPNIQAVLLPKKTESHHKAKGK
;
M,Q
4 'polypeptide(L)'
;MPEPAKSAPAPKKGSKKAVTKAQKKDGKKRKRSRKESYSVYVYKVLKQVHPDTGISSKAMGIMNSFVNDIFERIAGEASR
LAHYNKRSTITSREIQTAVRLLLPGELAKHAVSEGTKAVTKYTSAK
;
N,R
5 'polydeoxyribonucleotide'
;(DG)(DG)(DC)(DA)(DC)(DT)(DG)(DG)(DA)(DA)(DC)(DA)(DG)(DG)(DA)(DT)(DG)(DT)(DA)(DT)
(DA)(DT)(DA)(DT)(DG)(DT)(DG)(DA)(DC)(DA)(DC)(DG)(DT)(DG)(DC)(DC)(DT)(DG)(DG)(DA)
(DG)(DA)(DC)(DT)(DA)(DG)(DG)(DG)(DA)(DG)(DT)(DA)(DA)(DT)(DC)(DC)(DC)(DC)(DT)(DT)
(DG)(DG)(DC)(DG)(DG)(DT)(DT)(DA)(DA)(DA)(DA)(DC)(DG)(DC)(DG)(DG)(DG)(DG)(DG)(DA)
(DC)(DA)(DG)(DC)(DG)(DC)(DG)(DT)(DA)(DC)(DG)(DT)(DG)(DC)(DG)(DT)(DT)(DT)(DA)(DA)
(DG)(DC)(DG)(DG)(DT)(DG)(DC)(DT)(DA)(DG)(DA)(DG)(DC)(DT)(DG)(DT)(DC)(DT)(DA)(DC)
(DG)(DA)(DC)(DC)(DA)(DA)(DT)(DT)(DG)(DA)(DG)(DC)(DG)(DG)(DC)(DC)(DT)(DC)(DG)(DG)
(DC)(DA)(DC)(DC)(DG)(DG)(DG)(DA)(DT)(DT)(DC)(DT)(DC)(DC)(DA)(DG)(DG)(DG)(DG)(DA)
(DT)(DC)(DC)(DG)(DG)(DA)(DT)(DG)(DC)(DT)(DC)
;
J
6 'polydeoxyribonucleotide'
;(DG)(DA)(DG)(DC)(DA)(DT)(DC)(DC)(DG)(DG)(DA)(DT)(DC)(DC)(DC)(DC)(DT)(DG)(DG)(DA)
(DG)(DA)(DA)(DT)(DC)(DC)(DC)(DG)(DG)(DT)(DG)(DC)(DC)(DG)(DA)(DG)(DG)(DC)(DC)(DG)
(DC)(DT)(DC)(DA)(DA)(DT)(DT)(DG)(DG)(DT)(DC)(DG)(DT)(DA)(DG)(DA)(DC)(DA)(DG)(DC)
(DT)(DC)(DT)(DA)(DG)(DC)(DA)(DC)(DC)(DG)(DC)(DT)(DT)(DA)(DA)(DA)(DC)(DG)(DC)(DA)
(DC)(DG)(DT)(DA)(DC)(DG)(DC)(DG)(DC)(DT)(DG)(DT)(DC)(DC)(DC)(DC)(DC)(DG)(DC)(DG)
(DT)(DT)(DT)(DT)(DA)(DA)(DC)(DC)(DG)(DC)(DC)(DA)(DA)(DG)(DG)(DG)(DG)(DA)(DT)(DT)
(DA)(DC)(DT)(DC)(DC)(DC)(DT)(DA)(DG)(DT)(DC)(DT)(DC)(DC)(DA)(DG)(DG)(DC)(DA)(DC)
(DG)(DT)(DG)(DT)(DC)(DA)(DC)(DA)(DT)(DA)(DT)(DA)(DT)(DA)(DC)(DA)(DT)(DC)(DC)(DT)
(DG)(DT)(DT)(DC)(DC)(DA)(DG)(DT)(DG)(DC)(DC)
;
I
#
# COMPACT_ATOMS: atom_id res chain seq x y z
N LYS A 38 17.94 -54.68 9.66
CA LYS A 38 17.18 -53.52 10.11
C LYS A 38 17.02 -52.57 8.92
N PRO A 39 15.76 -52.27 8.57
CA PRO A 39 15.52 -51.42 7.40
C PRO A 39 15.99 -50.00 7.62
N HIS A 40 16.36 -49.35 6.51
CA HIS A 40 16.92 -48.02 6.57
C HIS A 40 15.88 -46.99 7.00
N ARG A 41 16.32 -46.00 7.76
CA ARG A 41 15.45 -44.92 8.22
C ARG A 41 16.30 -43.72 8.57
N TYR A 42 15.99 -42.58 7.94
CA TYR A 42 16.70 -41.35 8.25
C TYR A 42 16.25 -40.78 9.58
N ARG A 43 17.13 -40.01 10.21
CA ARG A 43 16.74 -39.25 11.38
C ARG A 43 15.85 -38.07 10.97
N PRO A 44 14.92 -37.65 11.83
CA PRO A 44 13.96 -36.62 11.44
C PRO A 44 14.61 -35.27 11.18
N GLY A 45 14.05 -34.55 10.23
CA GLY A 45 14.59 -33.30 9.78
C GLY A 45 15.47 -33.41 8.55
N THR A 46 16.27 -34.48 8.46
CA THR A 46 17.11 -34.69 7.28
C THR A 46 16.24 -34.91 6.04
N VAL A 47 15.23 -35.77 6.16
CA VAL A 47 14.21 -35.90 5.12
C VAL A 47 13.52 -34.57 4.91
N ALA A 48 13.15 -33.90 6.00
CA ALA A 48 12.40 -32.65 5.90
C ALA A 48 13.19 -31.59 5.16
N LEU A 49 14.49 -31.47 5.47
CA LEU A 49 15.36 -30.57 4.71
C LEU A 49 15.48 -31.03 3.25
N ARG A 50 15.39 -32.34 3.01
CA ARG A 50 15.44 -32.80 1.63
C ARG A 50 14.25 -32.30 0.81
N GLU A 51 13.01 -32.46 1.31
CA GLU A 51 11.93 -31.90 0.48
C GLU A 51 11.85 -30.38 0.60
N ILE A 52 12.45 -29.79 1.66
CA ILE A 52 12.62 -28.34 1.67
C ILE A 52 13.43 -27.91 0.44
N ARG A 53 14.55 -28.59 0.20
CA ARG A 53 15.38 -28.29 -0.96
C ARG A 53 14.63 -28.57 -2.26
N ARG A 54 13.90 -29.69 -2.32
CA ARG A 54 13.17 -30.04 -3.54
C ARG A 54 12.08 -29.02 -3.86
N TYR A 55 11.22 -28.73 -2.89
CA TYR A 55 10.06 -27.88 -3.12
C TYR A 55 10.43 -26.42 -3.20
N GLN A 56 11.48 -25.99 -2.52
CA GLN A 56 11.95 -24.63 -2.69
C GLN A 56 12.69 -24.48 -4.01
N LYS A 57 13.28 -25.56 -4.51
CA LYS A 57 13.80 -25.57 -5.88
C LYS A 57 12.67 -25.59 -6.90
N SER A 58 11.58 -26.27 -6.59
CA SER A 58 10.55 -26.54 -7.58
C SER A 58 9.73 -25.29 -7.88
N THR A 59 8.95 -25.36 -8.95
CA THR A 59 8.15 -24.23 -9.43
C THR A 59 6.66 -24.51 -9.47
N GLU A 60 6.25 -25.78 -9.42
CA GLU A 60 4.85 -26.12 -9.65
C GLU A 60 4.00 -25.84 -8.42
N LEU A 61 2.69 -25.88 -8.63
CA LEU A 61 1.73 -25.68 -7.56
C LEU A 61 1.75 -26.87 -6.61
N LEU A 62 1.62 -26.59 -5.31
CA LEU A 62 1.75 -27.63 -4.29
C LEU A 62 0.44 -28.26 -3.86
N ILE A 63 -0.68 -27.55 -4.03
CA ILE A 63 -1.97 -28.07 -3.56
C ILE A 63 -2.69 -28.71 -4.73
N ARG A 64 -3.61 -29.62 -4.41
CA ARG A 64 -4.38 -30.32 -5.44
C ARG A 64 -5.33 -29.36 -6.13
N LYS A 65 -5.54 -29.57 -7.43
CA LYS A 65 -6.26 -28.60 -8.24
C LYS A 65 -7.77 -28.70 -8.03
N LEU A 66 -8.34 -29.89 -8.29
CA LEU A 66 -9.80 -30.05 -8.29
C LEU A 66 -10.48 -29.66 -6.98
N PRO A 67 -9.95 -30.00 -5.79
CA PRO A 67 -10.54 -29.40 -4.57
C PRO A 67 -10.39 -27.90 -4.52
N PHE A 68 -9.41 -27.31 -5.21
CA PHE A 68 -9.32 -25.86 -5.16
C PHE A 68 -10.41 -25.21 -6.00
N GLN A 69 -10.71 -25.77 -7.19
CA GLN A 69 -11.92 -25.27 -7.88
C GLN A 69 -13.17 -25.54 -7.07
N ARG A 70 -13.27 -26.71 -6.44
CA ARG A 70 -14.46 -27.01 -5.65
C ARG A 70 -14.63 -26.02 -4.51
N LEU A 71 -13.52 -25.66 -3.86
CA LEU A 71 -13.58 -24.74 -2.73
C LEU A 71 -13.92 -23.33 -3.19
N VAL A 72 -13.31 -22.87 -4.29
CA VAL A 72 -13.59 -21.50 -4.72
C VAL A 72 -15.03 -21.38 -5.21
N ARG A 73 -15.55 -22.43 -5.86
CA ARG A 73 -16.95 -22.44 -6.24
C ARG A 73 -17.85 -22.45 -4.99
N GLU A 74 -17.46 -23.22 -3.98
CA GLU A 74 -18.25 -23.33 -2.75
C GLU A 74 -18.35 -21.99 -2.03
N ILE A 75 -17.24 -21.26 -1.97
CA ILE A 75 -17.25 -20.02 -1.19
C ILE A 75 -17.81 -18.86 -2.01
N ALA A 76 -17.59 -18.87 -3.32
CA ALA A 76 -18.21 -17.87 -4.17
C ALA A 76 -19.72 -18.08 -4.28
N GLN A 77 -20.19 -19.29 -3.96
CA GLN A 77 -21.62 -19.55 -3.85
C GLN A 77 -22.28 -18.72 -2.76
N ASP A 78 -21.52 -18.32 -1.74
CA ASP A 78 -22.10 -17.56 -0.64
C ASP A 78 -22.41 -16.12 -1.02
N PHE A 79 -21.65 -15.53 -1.94
CA PHE A 79 -21.87 -14.14 -2.30
C PHE A 79 -22.89 -13.99 -3.42
N LYS A 80 -22.84 -14.86 -4.42
CA LYS A 80 -23.71 -14.73 -5.57
C LYS A 80 -23.92 -16.11 -6.17
N THR A 81 -25.09 -16.35 -6.74
CA THR A 81 -25.41 -17.67 -7.26
C THR A 81 -24.99 -17.82 -8.73
N ASP A 82 -24.79 -19.08 -9.12
CA ASP A 82 -24.50 -19.51 -10.49
C ASP A 82 -23.24 -18.83 -11.05
N LEU A 83 -22.12 -18.97 -10.38
CA LEU A 83 -20.89 -18.39 -10.92
C LEU A 83 -20.13 -19.39 -11.77
N ARG A 84 -19.56 -18.90 -12.86
CA ARG A 84 -18.73 -19.69 -13.75
C ARG A 84 -17.32 -19.16 -13.66
N PHE A 85 -16.36 -20.07 -13.73
CA PHE A 85 -14.97 -19.76 -13.45
C PHE A 85 -14.13 -20.10 -14.67
N GLN A 86 -13.41 -19.11 -15.20
CA GLN A 86 -12.34 -19.42 -16.13
C GLN A 86 -11.21 -20.10 -15.38
N SER A 87 -10.62 -21.12 -16.01
CA SER A 87 -9.59 -21.90 -15.34
C SER A 87 -8.37 -21.05 -15.05
N SER A 88 -8.08 -20.08 -15.91
CA SER A 88 -6.97 -19.15 -15.70
C SER A 88 -7.17 -18.32 -14.45
N ALA A 89 -8.39 -17.86 -14.20
CA ALA A 89 -8.67 -17.10 -12.99
C ALA A 89 -8.45 -17.95 -11.75
N VAL A 90 -8.86 -19.22 -11.81
CA VAL A 90 -8.67 -20.12 -10.68
C VAL A 90 -7.19 -20.39 -10.45
N MET A 91 -6.42 -20.53 -11.53
CA MET A 91 -4.98 -20.72 -11.39
C MET A 91 -4.31 -19.49 -10.80
N ALA A 92 -4.73 -18.31 -11.23
CA ALA A 92 -4.18 -17.07 -10.69
C ALA A 92 -4.49 -16.94 -9.21
N LEU A 93 -5.71 -17.30 -8.83
CA LEU A 93 -6.07 -17.30 -7.40
C LEU A 93 -5.23 -18.31 -6.64
N GLN A 94 -4.98 -19.47 -7.25
CA GLN A 94 -4.17 -20.50 -6.60
C GLN A 94 -2.75 -20.04 -6.38
N GLU A 95 -2.14 -19.38 -7.38
CA GLU A 95 -0.80 -18.85 -7.22
C GLU A 95 -0.75 -17.74 -6.19
N ALA A 96 -1.74 -16.86 -6.18
CA ALA A 96 -1.78 -15.77 -5.20
C ALA A 96 -1.90 -16.32 -3.79
N SER A 97 -2.77 -17.31 -3.60
CA SER A 97 -2.95 -17.94 -2.30
C SER A 97 -1.68 -18.64 -1.86
N GLU A 98 -1.03 -19.33 -2.79
CA GLU A 98 0.20 -20.04 -2.47
C GLU A 98 1.30 -19.08 -2.04
N ALA A 99 1.43 -17.96 -2.75
CA ALA A 99 2.46 -16.98 -2.39
C ALA A 99 2.14 -16.31 -1.06
N TYR A 100 0.86 -16.01 -0.81
CA TYR A 100 0.47 -15.40 0.46
C TYR A 100 0.77 -16.33 1.62
N LEU A 101 0.46 -17.61 1.46
CA LEU A 101 0.75 -18.58 2.52
C LEU A 101 2.24 -18.77 2.69
N VAL A 102 3.01 -18.73 1.61
CA VAL A 102 4.46 -18.88 1.71
C VAL A 102 5.06 -17.71 2.47
N GLY A 103 4.61 -16.48 2.16
CA GLY A 103 5.07 -15.33 2.89
C GLY A 103 4.70 -15.37 4.36
N LEU A 104 3.48 -15.83 4.65
CA LEU A 104 3.07 -16.00 6.03
C LEU A 104 3.94 -17.03 6.74
N PHE A 105 4.27 -18.12 6.05
CA PHE A 105 5.04 -19.19 6.68
C PHE A 105 6.48 -18.78 6.94
N GLU A 106 7.08 -18.03 6.02
CA GLU A 106 8.45 -17.57 6.28
C GLU A 106 8.47 -16.52 7.38
N ASP A 107 7.40 -15.72 7.48
CA ASP A 107 7.31 -14.81 8.61
C ASP A 107 7.17 -15.56 9.93
N THR A 108 6.40 -16.66 9.94
CA THR A 108 6.31 -17.46 11.15
C THR A 108 7.63 -18.19 11.44
N ASN A 109 8.38 -18.51 10.39
CA ASN A 109 9.73 -19.04 10.60
C ASN A 109 10.61 -18.04 11.32
N LEU A 110 10.55 -16.79 10.89
CA LEU A 110 11.31 -15.73 11.55
C LEU A 110 10.87 -15.57 13.00
N ALA A 111 9.56 -15.64 13.24
CA ALA A 111 9.06 -15.54 14.61
C ALA A 111 9.50 -16.73 15.45
N ALA A 112 9.51 -17.93 14.88
CA ALA A 112 9.84 -19.13 15.65
C ALA A 112 11.32 -19.17 15.99
N ILE A 113 12.18 -18.82 15.03
CA ILE A 113 13.61 -18.78 15.35
C ILE A 113 13.90 -17.60 16.27
N HIS A 114 13.05 -16.58 16.24
CA HIS A 114 13.19 -15.48 17.18
C HIS A 114 12.93 -15.94 18.61
N ALA A 115 11.95 -16.82 18.79
CA ALA A 115 11.61 -17.33 20.11
C ALA A 115 12.48 -18.51 20.53
N LYS A 116 13.62 -18.73 19.84
CA LYS A 116 14.59 -19.77 20.14
C LYS A 116 14.02 -21.18 20.05
N ARG A 117 12.92 -21.35 19.32
CA ARG A 117 12.35 -22.66 19.05
C ARG A 117 12.54 -23.03 17.59
N VAL A 118 12.28 -24.29 17.28
CA VAL A 118 12.37 -24.78 15.91
C VAL A 118 11.03 -25.29 15.40
N THR A 119 10.04 -25.44 16.26
CA THR A 119 8.72 -25.91 15.86
C THR A 119 7.74 -24.75 15.94
N ILE A 120 6.96 -24.56 14.89
CA ILE A 120 5.98 -23.48 14.83
C ILE A 120 4.73 -23.87 15.61
N MET A 121 4.07 -22.87 16.17
CA MET A 121 2.82 -23.00 16.90
C MET A 121 1.88 -21.90 16.43
N PRO A 122 0.55 -22.05 16.64
CA PRO A 122 -0.40 -21.10 16.03
C PRO A 122 -0.22 -19.64 16.46
N LYS A 123 0.30 -19.41 17.66
CA LYS A 123 0.52 -18.03 18.09
C LYS A 123 1.59 -17.35 17.25
N ASP A 124 2.47 -18.11 16.62
CA ASP A 124 3.36 -17.54 15.61
C ASP A 124 2.57 -16.96 14.45
N ILE A 125 1.52 -17.66 14.02
CA ILE A 125 0.72 -17.19 12.89
C ILE A 125 -0.09 -15.96 13.27
N GLN A 126 -0.73 -15.98 14.45
CA GLN A 126 -1.45 -14.77 14.87
C GLN A 126 -0.49 -13.60 15.07
N LEU A 127 0.71 -13.85 15.59
CA LEU A 127 1.71 -12.80 15.73
C LEU A 127 2.09 -12.23 14.37
N ALA A 128 2.39 -13.10 13.41
CA ALA A 128 2.85 -12.65 12.10
C ALA A 128 1.77 -11.85 11.38
N ARG A 129 0.53 -12.32 11.45
CA ARG A 129 -0.57 -11.58 10.84
C ARG A 129 -0.80 -10.26 11.53
N ARG A 130 -0.70 -10.23 12.86
CA ARG A 130 -1.03 -9.01 13.57
C ARG A 130 0.07 -7.96 13.42
N ILE A 131 1.32 -8.40 13.27
CA ILE A 131 2.38 -7.46 12.92
C ILE A 131 2.20 -6.99 11.49
N ARG A 132 1.80 -7.89 10.59
CA ARG A 132 1.56 -7.53 9.20
C ARG A 132 0.41 -6.55 9.04
N GLY A 133 -0.54 -6.53 9.98
CA GLY A 133 -1.65 -5.61 9.92
C GLY A 133 -3.01 -6.23 9.69
N GLU A 134 -3.23 -7.44 10.18
CA GLU A 134 -4.53 -8.08 10.03
C GLU A 134 -5.05 -8.52 11.39
N LYS B 21 -25.40 -29.92 -6.68
CA LYS B 21 -25.21 -28.51 -7.00
C LYS B 21 -24.54 -27.77 -5.86
N VAL B 22 -25.10 -27.90 -4.66
CA VAL B 22 -24.60 -27.17 -3.49
C VAL B 22 -23.43 -27.92 -2.89
N LEU B 23 -22.34 -27.20 -2.63
CA LEU B 23 -21.15 -27.75 -1.99
C LEU B 23 -21.08 -27.20 -0.57
N ARG B 24 -20.70 -28.06 0.37
CA ARG B 24 -20.93 -27.79 1.79
C ARG B 24 -19.65 -27.66 2.60
N ASP B 25 -18.69 -28.56 2.43
CA ASP B 25 -17.54 -28.66 3.32
C ASP B 25 -16.23 -28.85 2.56
N ASN B 26 -15.94 -27.95 1.62
CA ASN B 26 -14.67 -28.04 0.91
C ASN B 26 -13.52 -27.34 1.63
N ILE B 27 -13.74 -26.85 2.85
CA ILE B 27 -12.67 -26.20 3.60
C ILE B 27 -11.58 -27.20 3.98
N GLN B 28 -11.96 -28.45 4.27
CA GLN B 28 -10.95 -29.47 4.52
C GLN B 28 -10.42 -30.07 3.23
N GLY B 29 -10.89 -29.60 2.07
CA GLY B 29 -10.27 -29.97 0.81
C GLY B 29 -8.83 -29.54 0.68
N ILE B 30 -8.43 -28.49 1.39
CA ILE B 30 -7.03 -28.11 1.52
C ILE B 30 -6.45 -29.08 2.55
N THR B 31 -5.84 -30.16 2.05
CA THR B 31 -5.43 -31.25 2.90
C THR B 31 -4.22 -30.89 3.75
N LYS B 32 -4.03 -31.68 4.80
CA LYS B 32 -2.85 -31.55 5.66
C LYS B 32 -1.52 -31.69 4.92
N PRO B 33 -1.28 -32.70 4.07
CA PRO B 33 0.03 -32.76 3.38
C PRO B 33 0.27 -31.58 2.44
N ALA B 34 -0.78 -30.99 1.89
CA ALA B 34 -0.59 -29.78 1.09
C ALA B 34 -0.08 -28.64 1.93
N ILE B 35 -0.58 -28.53 3.16
CA ILE B 35 -0.08 -27.52 4.09
C ILE B 35 1.36 -27.83 4.49
N ARG B 36 1.70 -29.11 4.65
CA ARG B 36 3.09 -29.48 4.92
C ARG B 36 4.00 -29.08 3.77
N ARG B 37 3.54 -29.30 2.52
CA ARG B 37 4.32 -28.88 1.36
C ARG B 37 4.51 -27.37 1.32
N LEU B 38 3.45 -26.62 1.64
CA LEU B 38 3.55 -25.17 1.66
C LEU B 38 4.49 -24.69 2.75
N ALA B 39 4.51 -25.39 3.89
CA ALA B 39 5.44 -25.06 4.96
C ALA B 39 6.87 -25.39 4.55
N ARG B 40 7.06 -26.47 3.78
CA ARG B 40 8.38 -26.78 3.25
C ARG B 40 8.87 -25.68 2.32
N ARG B 41 7.99 -25.18 1.44
CA ARG B 41 8.37 -24.03 0.62
C ARG B 41 8.52 -22.79 1.48
N GLY B 42 7.75 -22.69 2.56
CA GLY B 42 7.95 -21.61 3.50
C GLY B 42 9.20 -21.71 4.34
N GLY B 43 9.93 -22.82 4.25
CA GLY B 43 11.13 -22.98 5.03
C GLY B 43 10.92 -23.52 6.42
N VAL B 44 9.78 -24.14 6.69
CA VAL B 44 9.51 -24.70 8.00
C VAL B 44 9.99 -26.16 7.98
N LYS B 45 10.80 -26.54 8.97
CA LYS B 45 11.16 -27.94 9.00
C LYS B 45 10.26 -28.74 9.94
N ARG B 46 9.76 -28.12 11.00
CA ARG B 46 8.94 -28.82 11.98
C ARG B 46 7.62 -28.08 12.17
N ILE B 47 6.52 -28.79 11.98
CA ILE B 47 5.19 -28.20 11.92
C ILE B 47 4.34 -28.88 12.98
N SER B 48 3.69 -28.09 13.83
CA SER B 48 2.81 -28.67 14.82
C SER B 48 1.53 -29.18 14.15
N GLY B 49 0.87 -30.13 14.83
CA GLY B 49 -0.38 -30.65 14.34
C GLY B 49 -1.53 -29.70 14.54
N LEU B 50 -1.37 -28.74 15.44
CA LEU B 50 -2.35 -27.71 15.74
C LEU B 50 -2.30 -26.55 14.79
N ILE B 51 -1.56 -26.65 13.68
CA ILE B 51 -1.37 -25.51 12.78
C ILE B 51 -2.46 -25.44 11.72
N TYR B 52 -2.90 -26.61 11.22
CA TYR B 52 -3.54 -26.71 9.92
C TYR B 52 -4.89 -26.02 9.88
N GLU B 53 -5.67 -26.13 10.94
CA GLU B 53 -7.01 -25.55 10.93
C GLU B 53 -6.98 -24.02 10.99
N GLU B 54 -6.02 -23.43 11.70
CA GLU B 54 -5.88 -21.98 11.67
C GLU B 54 -5.35 -21.52 10.32
N THR B 55 -4.47 -22.31 9.70
CA THR B 55 -4.02 -21.94 8.35
C THR B 55 -5.17 -22.04 7.36
N ARG B 56 -6.04 -23.03 7.52
CA ARG B 56 -7.28 -23.08 6.75
C ARG B 56 -8.14 -21.85 6.99
N GLY B 57 -8.22 -21.40 8.24
CA GLY B 57 -8.98 -20.18 8.52
C GLY B 57 -8.36 -18.94 7.90
N VAL B 58 -7.03 -18.85 7.92
CA VAL B 58 -6.36 -17.67 7.38
C VAL B 58 -6.49 -17.63 5.86
N LEU B 59 -6.20 -18.76 5.20
CA LEU B 59 -6.49 -18.93 3.77
C LEU B 59 -7.94 -18.63 3.47
N LYS B 60 -8.84 -19.07 4.35
CA LYS B 60 -10.27 -18.87 4.18
C LYS B 60 -10.61 -17.39 4.16
N VAL B 61 -10.11 -16.64 5.13
CA VAL B 61 -10.40 -15.21 5.22
C VAL B 61 -9.81 -14.48 4.02
N PHE B 62 -8.58 -14.84 3.64
CA PHE B 62 -7.94 -14.21 2.51
C PHE B 62 -8.71 -14.46 1.22
N LEU B 63 -9.14 -15.72 1.02
CA LEU B 63 -9.88 -16.03 -0.20
C LEU B 63 -11.23 -15.36 -0.20
N GLU B 64 -11.88 -15.26 0.97
CA GLU B 64 -13.13 -14.52 1.06
C GLU B 64 -12.95 -13.07 0.62
N ASN B 65 -11.90 -12.43 1.11
CA ASN B 65 -11.66 -11.03 0.75
C ASN B 65 -11.45 -10.88 -0.75
N VAL B 66 -10.61 -11.74 -1.33
CA VAL B 66 -10.29 -11.57 -2.75
C VAL B 66 -11.48 -11.95 -3.64
N ILE B 67 -12.26 -12.97 -3.27
CA ILE B 67 -13.33 -13.35 -4.18
C ILE B 67 -14.52 -12.42 -3.98
N ARG B 68 -14.64 -11.80 -2.80
CA ARG B 68 -15.65 -10.77 -2.61
C ARG B 68 -15.36 -9.58 -3.49
N ASP B 69 -14.09 -9.16 -3.53
CA ASP B 69 -13.70 -8.12 -4.47
C ASP B 69 -13.91 -8.57 -5.91
N ALA B 70 -13.61 -9.85 -6.19
CA ALA B 70 -13.73 -10.37 -7.55
C ALA B 70 -15.18 -10.39 -8.01
N VAL B 71 -16.10 -10.83 -7.15
CA VAL B 71 -17.49 -10.88 -7.55
C VAL B 71 -18.05 -9.47 -7.61
N THR B 72 -17.52 -8.54 -6.82
CA THR B 72 -17.93 -7.15 -6.95
C THR B 72 -17.52 -6.59 -8.31
N TYR B 73 -16.29 -6.87 -8.73
CA TYR B 73 -15.82 -6.45 -10.05
C TYR B 73 -16.64 -7.10 -11.15
N THR B 74 -16.91 -8.40 -11.03
CA THR B 74 -17.62 -9.13 -12.07
C THR B 74 -19.07 -8.70 -12.16
N GLU B 75 -19.68 -8.38 -11.02
CA GLU B 75 -21.05 -7.90 -11.02
C GLU B 75 -21.12 -6.52 -11.62
N HIS B 76 -20.08 -5.69 -11.41
CA HIS B 76 -19.98 -4.48 -12.21
C HIS B 76 -19.81 -4.79 -13.68
N ALA B 77 -19.15 -5.89 -14.02
CA ALA B 77 -19.00 -6.21 -15.43
C ALA B 77 -20.31 -6.70 -16.06
N LYS B 78 -21.34 -6.92 -15.25
CA LYS B 78 -22.62 -7.49 -15.65
C LYS B 78 -22.43 -8.86 -16.30
N ARG B 79 -21.42 -9.57 -15.86
CA ARG B 79 -21.12 -10.89 -16.36
C ARG B 79 -21.42 -11.93 -15.29
N LYS B 80 -21.88 -13.08 -15.74
CA LYS B 80 -22.16 -14.19 -14.84
C LYS B 80 -20.91 -15.04 -14.62
N THR B 81 -19.87 -14.79 -15.40
CA THR B 81 -18.63 -15.57 -15.38
C THR B 81 -17.51 -14.68 -14.85
N VAL B 82 -16.82 -15.15 -13.80
CA VAL B 82 -15.68 -14.42 -13.30
C VAL B 82 -14.50 -14.61 -14.26
N THR B 83 -13.73 -13.55 -14.47
CA THR B 83 -12.61 -13.57 -15.39
C THR B 83 -11.31 -13.22 -14.68
N ALA B 84 -10.20 -13.56 -15.34
CA ALA B 84 -8.89 -13.48 -14.71
C ALA B 84 -8.44 -12.05 -14.46
N MET B 85 -8.69 -11.14 -15.42
CA MET B 85 -8.20 -9.77 -15.24
C MET B 85 -8.94 -9.08 -14.11
N ASP B 86 -10.19 -9.46 -13.88
CA ASP B 86 -10.92 -8.96 -12.73
C ASP B 86 -10.28 -9.45 -11.43
N VAL B 87 -9.82 -10.71 -11.42
CA VAL B 87 -9.16 -11.25 -10.24
C VAL B 87 -7.86 -10.50 -9.97
N VAL B 88 -7.08 -10.22 -11.00
CA VAL B 88 -5.80 -9.56 -10.75
C VAL B 88 -6.02 -8.10 -10.35
N TYR B 89 -7.11 -7.47 -10.84
CA TYR B 89 -7.51 -6.17 -10.31
C TYR B 89 -7.80 -6.25 -8.82
N ALA B 90 -8.50 -7.32 -8.41
CA ALA B 90 -8.83 -7.48 -7.00
C ALA B 90 -7.58 -7.67 -6.15
N LEU B 91 -6.58 -8.40 -6.69
CA LEU B 91 -5.35 -8.58 -5.93
C LEU B 91 -4.52 -7.30 -5.84
N LYS B 92 -4.44 -6.51 -6.91
CA LYS B 92 -3.59 -5.32 -6.80
C LYS B 92 -4.27 -4.26 -5.94
N ARG B 93 -5.59 -4.19 -5.99
CA ARG B 93 -6.30 -3.29 -5.09
C ARG B 93 -6.19 -3.75 -3.64
N GLN B 94 -5.97 -5.04 -3.42
CA GLN B 94 -5.70 -5.57 -2.09
C GLN B 94 -4.21 -5.53 -1.76
N GLY B 95 -3.37 -5.09 -2.70
CA GLY B 95 -1.96 -4.93 -2.43
C GLY B 95 -1.15 -6.21 -2.48
N ARG B 96 -1.56 -7.18 -3.29
CA ARG B 96 -0.87 -8.45 -3.48
C ARG B 96 -0.78 -8.78 -4.97
N THR B 97 -0.25 -7.83 -5.74
CA THR B 97 -0.33 -7.82 -7.20
C THR B 97 0.24 -9.08 -7.84
N LEU B 98 -0.41 -9.51 -8.92
CA LEU B 98 -0.05 -10.71 -9.65
C LEU B 98 0.49 -10.32 -11.02
N TYR B 99 1.51 -11.03 -11.47
CA TYR B 99 1.97 -10.92 -12.85
C TYR B 99 1.68 -12.21 -13.60
N GLY B 100 1.52 -12.08 -14.91
CA GLY B 100 1.40 -13.23 -15.79
C GLY B 100 0.01 -13.63 -16.16
N PHE B 101 -0.99 -12.78 -15.94
CA PHE B 101 -2.38 -13.12 -16.24
C PHE B 101 -3.06 -11.99 -16.99
N GLY B 102 -2.40 -11.51 -18.04
CA GLY B 102 -2.99 -10.50 -18.89
C GLY B 102 -2.94 -9.09 -18.35
N GLY B 103 -2.13 -8.84 -17.32
CA GLY B 103 -2.01 -7.51 -16.76
C GLY B 103 -1.40 -6.50 -17.71
N ALA C 28 -37.11 36.26 -16.36
CA ALA C 28 -38.16 35.30 -16.08
C ALA C 28 -37.56 33.95 -15.70
N ARG C 29 -36.29 33.96 -15.29
CA ARG C 29 -35.62 32.74 -14.89
C ARG C 29 -36.19 32.27 -13.56
N ALA C 30 -36.25 30.95 -13.38
CA ALA C 30 -36.65 30.39 -12.10
C ALA C 30 -35.58 30.67 -11.05
N LYS C 31 -35.99 30.58 -9.77
CA LYS C 31 -35.09 30.90 -8.68
C LYS C 31 -33.98 29.86 -8.61
N ALA C 32 -32.76 30.33 -8.38
CA ALA C 32 -31.60 29.45 -8.33
C ALA C 32 -31.63 28.62 -7.06
N LYS C 33 -32.02 27.36 -7.19
CA LYS C 33 -32.08 26.46 -6.06
C LYS C 33 -30.98 25.42 -6.26
N THR C 34 -30.52 24.79 -5.18
CA THR C 34 -29.22 24.14 -5.21
C THR C 34 -29.36 22.63 -5.21
N ARG C 35 -28.40 21.97 -5.85
CA ARG C 35 -28.45 20.52 -5.99
C ARG C 35 -28.22 19.81 -4.66
N SER C 36 -27.48 20.43 -3.74
CA SER C 36 -27.33 19.84 -2.42
C SER C 36 -28.67 19.80 -1.70
N SER C 37 -29.45 20.86 -1.83
CA SER C 37 -30.82 20.85 -1.33
C SER C 37 -31.71 19.91 -2.14
N ARG C 38 -31.43 19.76 -3.43
CA ARG C 38 -32.20 18.84 -4.26
C ARG C 38 -32.01 17.40 -3.83
N ALA C 39 -30.79 17.06 -3.43
CA ALA C 39 -30.56 15.77 -2.79
C ALA C 39 -30.87 15.81 -1.30
N GLY C 40 -31.22 16.98 -0.77
CA GLY C 40 -31.46 17.13 0.64
C GLY C 40 -30.25 16.92 1.49
N LEU C 41 -29.07 17.33 1.01
CA LEU C 41 -27.82 16.98 1.66
C LEU C 41 -27.00 18.24 1.92
N GLN C 42 -26.09 18.14 2.88
CA GLN C 42 -25.32 19.29 3.33
C GLN C 42 -24.07 19.56 2.50
N PHE C 43 -23.41 18.50 2.00
CA PHE C 43 -22.18 18.67 1.26
C PHE C 43 -22.43 19.29 -0.12
N PRO C 44 -21.50 20.10 -0.64
CA PRO C 44 -21.72 20.79 -1.91
C PRO C 44 -21.66 19.84 -3.09
N VAL C 45 -22.79 19.69 -3.79
CA VAL C 45 -22.81 18.86 -4.99
C VAL C 45 -22.03 19.52 -6.11
N GLY C 46 -22.20 20.84 -6.28
CA GLY C 46 -21.54 21.52 -7.38
C GLY C 46 -20.03 21.55 -7.27
N ARG C 47 -19.52 21.81 -6.06
CA ARG C 47 -18.08 21.86 -5.86
C ARG C 47 -17.44 20.50 -6.07
N VAL C 48 -18.08 19.43 -5.56
CA VAL C 48 -17.54 18.09 -5.72
C VAL C 48 -17.62 17.65 -7.18
N HIS C 49 -18.71 18.02 -7.86
CA HIS C 49 -18.83 17.74 -9.29
C HIS C 49 -17.71 18.42 -10.08
N ARG C 50 -17.45 19.69 -9.80
CA ARG C 50 -16.34 20.40 -10.44
C ARG C 50 -15.00 19.77 -10.10
N LEU C 51 -14.87 19.31 -8.86
CA LEU C 51 -13.61 18.75 -8.39
C LEU C 51 -13.34 17.40 -9.02
N LEU C 52 -14.39 16.64 -9.35
CA LEU C 52 -14.19 15.45 -10.17
C LEU C 52 -13.93 15.79 -11.63
N ARG C 53 -14.56 16.85 -12.14
CA ARG C 53 -14.39 17.20 -13.54
C ARG C 53 -12.96 17.63 -13.85
N LYS C 54 -12.38 18.48 -13.01
CA LYS C 54 -10.98 18.82 -13.19
C LYS C 54 -10.05 18.01 -12.30
N GLY C 55 -10.55 17.01 -11.58
CA GLY C 55 -9.68 16.07 -10.91
C GLY C 55 -9.12 14.99 -11.80
N ASN C 56 -9.54 14.98 -13.07
CA ASN C 56 -9.03 14.11 -14.13
C ASN C 56 -9.22 12.63 -13.80
N TYR C 57 -10.48 12.21 -13.74
CA TYR C 57 -10.83 10.81 -13.58
C TYR C 57 -11.61 10.27 -14.76
N SER C 58 -12.28 11.14 -15.52
CA SER C 58 -12.88 10.81 -16.80
C SER C 58 -13.19 12.10 -17.55
N GLU C 59 -13.38 11.96 -18.86
CA GLU C 59 -13.86 13.08 -19.66
C GLU C 59 -15.37 13.24 -19.52
N ARG C 60 -16.10 12.16 -19.23
CA ARG C 60 -17.54 12.21 -19.03
C ARG C 60 -17.86 11.81 -17.60
N VAL C 61 -18.89 12.42 -17.04
CA VAL C 61 -19.32 12.11 -15.68
C VAL C 61 -20.83 12.24 -15.59
N GLY C 62 -21.47 11.30 -14.90
CA GLY C 62 -22.90 11.35 -14.72
C GLY C 62 -23.31 12.29 -13.60
N ALA C 63 -24.59 12.67 -13.63
CA ALA C 63 -25.10 13.64 -12.67
C ALA C 63 -25.30 13.01 -11.30
N GLY C 64 -25.64 11.73 -11.25
CA GLY C 64 -25.91 11.10 -9.98
C GLY C 64 -24.67 10.73 -9.18
N ALA C 65 -23.52 10.64 -9.84
CA ALA C 65 -22.29 10.29 -9.14
C ALA C 65 -21.87 11.31 -8.07
N PRO C 66 -21.84 12.63 -8.32
CA PRO C 66 -21.53 13.53 -7.20
C PRO C 66 -22.58 13.50 -6.11
N VAL C 67 -23.83 13.22 -6.44
CA VAL C 67 -24.87 13.10 -5.43
C VAL C 67 -24.57 11.92 -4.52
N TYR C 68 -24.23 10.78 -5.12
CA TYR C 68 -23.88 9.58 -4.37
C TYR C 68 -22.65 9.82 -3.52
N LEU C 69 -21.67 10.51 -4.09
CA LEU C 69 -20.40 10.76 -3.39
C LEU C 69 -20.60 11.68 -2.20
N ALA C 70 -21.39 12.75 -2.38
CA ALA C 70 -21.68 13.64 -1.27
C ALA C 70 -22.45 12.90 -0.18
N ALA C 71 -23.37 12.02 -0.58
CA ALA C 71 -24.12 11.24 0.39
C ALA C 71 -23.21 10.33 1.22
N VAL C 72 -22.27 9.63 0.57
CA VAL C 72 -21.47 8.68 1.32
C VAL C 72 -20.48 9.40 2.25
N LEU C 73 -19.89 10.51 1.79
CA LEU C 73 -19.05 11.29 2.70
C LEU C 73 -19.82 11.89 3.85
N GLU C 74 -21.07 12.34 3.62
CA GLU C 74 -21.86 12.84 4.74
C GLU C 74 -22.16 11.74 5.74
N TYR C 75 -22.44 10.53 5.27
CA TYR C 75 -22.69 9.43 6.19
C TYR C 75 -21.44 9.10 7.01
N LEU C 76 -20.28 9.11 6.35
CA LEU C 76 -19.03 8.81 7.04
C LEU C 76 -18.72 9.85 8.10
N THR C 77 -18.84 11.14 7.73
CA THR C 77 -18.63 12.20 8.71
C THR C 77 -19.66 12.17 9.81
N ALA C 78 -20.90 11.78 9.48
CA ALA C 78 -21.94 11.72 10.49
C ALA C 78 -21.63 10.66 11.54
N GLU C 79 -21.20 9.48 11.10
CA GLU C 79 -20.92 8.43 12.08
C GLU C 79 -19.65 8.73 12.88
N ILE C 80 -18.62 9.28 12.21
CA ILE C 80 -17.40 9.53 12.96
C ILE C 80 -17.58 10.73 13.89
N LEU C 81 -18.48 11.65 13.53
CA LEU C 81 -18.77 12.78 14.39
C LEU C 81 -19.67 12.37 15.55
N GLU C 82 -20.54 11.37 15.34
CA GLU C 82 -21.23 10.74 16.45
C GLU C 82 -20.24 10.16 17.46
N LEU C 83 -19.26 9.41 16.96
CA LEU C 83 -18.28 8.79 17.85
C LEU C 83 -17.44 9.84 18.55
N ALA C 84 -17.07 10.90 17.84
CA ALA C 84 -16.31 11.99 18.44
C ALA C 84 -17.13 12.72 19.50
N GLY C 85 -18.41 12.92 19.26
CA GLY C 85 -19.26 13.59 20.24
C GLY C 85 -19.44 12.77 21.51
N ASN C 86 -19.65 11.46 21.35
CA ASN C 86 -19.75 10.61 22.54
C ASN C 86 -18.42 10.53 23.29
N ALA C 87 -17.29 10.50 22.57
CA ALA C 87 -15.99 10.50 23.23
C ALA C 87 -15.75 11.81 23.98
N ALA C 88 -16.19 12.94 23.40
CA ALA C 88 -16.04 14.22 24.06
C ALA C 88 -16.91 14.32 25.30
N ARG C 89 -18.14 13.81 25.22
CA ARG C 89 -19.04 13.90 26.36
C ARG C 89 -18.60 12.95 27.48
N ASP C 90 -18.00 11.82 27.13
CA ASP C 90 -17.50 10.90 28.15
C ASP C 90 -16.30 11.48 28.88
N ASN C 91 -15.51 12.32 28.22
CA ASN C 91 -14.42 13.02 28.87
C ASN C 91 -14.83 14.41 29.37
N LYS C 92 -16.14 14.67 29.41
CA LYS C 92 -16.72 15.92 29.94
C LYS C 92 -16.22 17.15 29.19
N LYS C 93 -15.97 17.01 27.90
CA LYS C 93 -15.58 18.13 27.06
C LYS C 93 -16.71 18.46 26.10
N THR C 94 -17.01 19.74 25.98
CA THR C 94 -17.99 20.21 25.01
C THR C 94 -17.36 20.69 23.71
N ARG C 95 -16.06 20.51 23.55
CA ARG C 95 -15.36 20.82 22.31
C ARG C 95 -14.53 19.62 21.91
N ILE C 96 -14.59 19.26 20.62
CA ILE C 96 -13.86 18.09 20.14
C ILE C 96 -12.37 18.38 20.11
N ILE C 97 -11.57 17.36 20.38
CA ILE C 97 -10.11 17.50 20.39
C ILE C 97 -9.65 16.35 19.49
N PRO C 98 -8.46 16.40 18.88
CA PRO C 98 -7.98 15.21 18.14
C PRO C 98 -7.80 13.95 18.97
N ARG C 99 -7.62 14.07 20.30
CA ARG C 99 -7.61 12.87 21.13
C ARG C 99 -8.93 12.14 21.07
N HIS C 100 -10.04 12.89 21.05
CA HIS C 100 -11.35 12.29 20.85
C HIS C 100 -11.44 11.59 19.49
N LEU C 101 -10.84 12.19 18.46
CA LEU C 101 -10.89 11.59 17.12
C LEU C 101 -10.14 10.27 17.09
N GLN C 102 -8.97 10.23 17.74
CA GLN C 102 -8.19 9.00 17.80
C GLN C 102 -8.92 7.93 18.59
N LEU C 103 -9.49 8.31 19.74
CA LEU C 103 -10.24 7.36 20.55
C LEU C 103 -11.48 6.87 19.81
N ALA C 104 -12.05 7.74 18.97
CA ALA C 104 -13.22 7.37 18.20
C ALA C 104 -12.87 6.35 17.12
N ILE C 105 -11.81 6.63 16.35
CA ILE C 105 -11.50 5.76 15.23
C ILE C 105 -10.96 4.41 15.72
N ARG C 106 -10.17 4.41 16.79
CA ARG C 106 -9.50 3.18 17.18
C ARG C 106 -10.41 2.24 17.97
N ASN C 107 -11.52 2.73 18.50
CA ASN C 107 -12.37 1.87 19.31
C ASN C 107 -13.40 1.09 18.48
N ASP C 108 -13.42 1.26 17.16
CA ASP C 108 -14.19 0.39 16.28
C ASP C 108 -13.24 -0.33 15.34
N GLU C 109 -13.39 -1.66 15.27
CA GLU C 109 -12.53 -2.48 14.43
C GLU C 109 -12.76 -2.22 12.95
N GLU C 110 -14.00 -1.92 12.57
CA GLU C 110 -14.30 -1.74 11.15
C GLU C 110 -13.70 -0.44 10.62
N LEU C 111 -13.75 0.63 11.41
CA LEU C 111 -13.05 1.86 11.05
C LEU C 111 -11.53 1.65 11.08
N ASN C 112 -11.05 0.74 11.93
CA ASN C 112 -9.63 0.39 11.89
C ASN C 112 -9.27 -0.27 10.57
N LYS C 113 -10.15 -1.12 10.05
CA LYS C 113 -9.92 -1.67 8.71
C LYS C 113 -10.05 -0.59 7.66
N LEU C 114 -10.89 0.42 7.91
CA LEU C 114 -10.91 1.58 7.03
C LEU C 114 -9.61 2.39 7.15
N LEU C 115 -9.09 2.53 8.36
CA LEU C 115 -7.98 3.44 8.64
C LEU C 115 -6.79 2.72 9.28
N GLY C 116 -6.33 1.62 8.67
CA GLY C 116 -5.21 0.88 9.23
C GLY C 116 -3.89 1.63 9.18
N ARG C 117 -3.67 2.37 8.10
CA ARG C 117 -2.38 3.02 7.86
C ARG C 117 -2.44 4.53 7.98
N VAL C 118 -3.39 5.06 8.72
CA VAL C 118 -3.63 6.50 8.79
C VAL C 118 -3.10 7.05 10.10
N THR C 119 -2.35 8.15 10.02
CA THR C 119 -1.78 8.80 11.20
C THR C 119 -2.59 10.04 11.56
N ILE C 120 -2.96 10.14 12.84
CA ILE C 120 -3.67 11.30 13.36
C ILE C 120 -2.69 12.16 14.17
N ALA C 121 -2.63 13.44 13.86
CA ALA C 121 -1.77 14.35 14.60
C ALA C 121 -2.29 14.57 16.01
N GLN C 122 -1.36 14.49 16.98
CA GLN C 122 -1.65 14.65 18.41
C GLN C 122 -2.71 13.66 18.91
N GLY C 123 -2.76 12.46 18.34
CA GLY C 123 -3.80 11.52 18.70
C GLY C 123 -3.42 10.59 19.83
N GLY C 124 -2.13 10.27 19.95
CA GLY C 124 -1.75 9.27 20.92
C GLY C 124 -2.19 7.89 20.45
N VAL C 125 -2.29 6.96 21.40
CA VAL C 125 -2.76 5.62 21.13
C VAL C 125 -3.81 5.27 22.18
N LEU C 126 -4.46 4.13 21.98
CA LEU C 126 -5.40 3.64 22.96
C LEU C 126 -4.69 3.29 24.25
N PRO C 127 -5.31 3.51 25.40
CA PRO C 127 -4.75 2.97 26.65
C PRO C 127 -4.82 1.45 26.62
N ASN C 128 -3.65 0.82 26.50
CA ASN C 128 -3.56 -0.61 26.28
C ASN C 128 -2.28 -1.14 26.89
N ILE C 129 -2.42 -1.98 27.91
CA ILE C 129 -1.29 -2.62 28.56
C ILE C 129 -1.43 -4.10 28.34
N GLN C 130 -0.35 -4.74 27.90
CA GLN C 130 -0.35 -6.20 27.77
C GLN C 130 -0.51 -6.82 29.14
N ALA C 131 -1.27 -7.92 29.20
CA ALA C 131 -1.70 -8.46 30.49
C ALA C 131 -0.53 -9.00 31.31
N VAL C 132 0.49 -9.54 30.64
CA VAL C 132 1.66 -10.03 31.36
C VAL C 132 2.48 -8.90 31.94
N LEU C 133 2.35 -7.68 31.41
CA LEU C 133 3.06 -6.54 31.98
C LEU C 133 2.50 -6.12 33.33
N LEU C 134 1.24 -6.44 33.60
CA LEU C 134 0.63 -6.07 34.86
C LEU C 134 1.16 -6.93 35.99
N PRO C 135 1.29 -6.37 37.19
CA PRO C 135 1.79 -7.15 38.33
C PRO C 135 0.74 -8.12 38.84
N LYS C 136 1.19 -9.04 39.69
CA LYS C 136 0.32 -10.04 40.30
C LYS C 136 -0.61 -9.41 41.33
N LYS D 31 -6.75 41.86 0.80
CA LYS D 31 -7.42 40.56 0.86
C LYS D 31 -6.61 39.52 0.10
N ARG D 32 -6.75 38.25 0.48
CA ARG D 32 -6.01 37.16 -0.12
C ARG D 32 -6.98 36.32 -0.94
N SER D 33 -6.43 35.66 -1.98
CA SER D 33 -7.24 34.83 -2.87
C SER D 33 -7.82 33.65 -2.12
N ARG D 34 -8.98 33.18 -2.59
CA ARG D 34 -9.77 32.21 -1.84
C ARG D 34 -9.10 30.85 -1.76
N LYS D 35 -9.13 30.27 -0.57
CA LYS D 35 -8.71 28.89 -0.32
C LYS D 35 -9.97 28.10 0.03
N GLU D 36 -10.46 27.32 -0.92
CA GLU D 36 -11.68 26.54 -0.70
C GLU D 36 -11.40 25.36 0.22
N SER D 37 -12.34 25.11 1.13
CA SER D 37 -12.16 24.12 2.17
C SER D 37 -13.51 23.51 2.53
N TYR D 38 -13.48 22.47 3.35
CA TYR D 38 -14.67 21.74 3.74
C TYR D 38 -15.04 21.88 5.21
N SER D 39 -14.87 23.06 5.81
CA SER D 39 -15.15 23.19 7.24
C SER D 39 -16.62 23.40 7.54
N VAL D 40 -17.24 24.36 6.85
CA VAL D 40 -18.57 24.83 7.24
C VAL D 40 -19.62 23.74 7.03
N TYR D 41 -19.40 22.88 6.04
CA TYR D 41 -20.28 21.72 5.87
C TYR D 41 -20.16 20.78 7.04
N VAL D 42 -18.94 20.60 7.57
CA VAL D 42 -18.77 19.78 8.75
C VAL D 42 -19.49 20.40 9.93
N TYR D 43 -19.45 21.74 10.05
CA TYR D 43 -20.22 22.42 11.09
C TYR D 43 -21.71 22.16 10.94
N LYS D 44 -22.22 22.20 9.72
CA LYS D 44 -23.66 21.96 9.54
C LYS D 44 -24.04 20.53 9.89
N VAL D 45 -23.26 19.55 9.42
CA VAL D 45 -23.63 18.16 9.67
C VAL D 45 -23.49 17.82 11.15
N LEU D 46 -22.47 18.39 11.83
CA LEU D 46 -22.35 18.13 13.26
C LEU D 46 -23.48 18.81 14.00
N LYS D 47 -23.87 19.99 13.54
CA LYS D 47 -24.96 20.73 14.16
C LYS D 47 -26.28 19.98 14.03
N GLN D 48 -26.44 19.21 12.95
CA GLN D 48 -27.57 18.28 12.89
C GLN D 48 -27.41 17.14 13.88
N VAL D 49 -26.20 16.57 14.00
CA VAL D 49 -26.09 15.38 14.81
C VAL D 49 -25.82 15.72 16.27
N HIS D 50 -25.20 16.88 16.54
CA HIS D 50 -24.89 17.32 17.90
C HIS D 50 -24.91 18.84 17.90
N PRO D 51 -26.06 19.45 18.23
CA PRO D 51 -26.14 20.92 18.21
C PRO D 51 -25.24 21.61 19.23
N ASP D 52 -24.82 20.88 20.25
CA ASP D 52 -24.22 21.49 21.43
C ASP D 52 -22.71 21.69 21.33
N THR D 53 -21.99 20.87 20.57
CA THR D 53 -20.56 20.72 20.78
C THR D 53 -19.77 21.82 20.09
N GLY D 54 -18.50 21.93 20.48
CA GLY D 54 -17.57 22.84 19.85
C GLY D 54 -16.54 22.10 19.03
N ILE D 55 -15.70 22.89 18.36
CA ILE D 55 -14.74 22.33 17.40
C ILE D 55 -13.38 22.97 17.66
N SER D 56 -12.34 22.14 17.75
CA SER D 56 -10.99 22.65 17.66
C SER D 56 -10.49 22.63 16.21
N SER D 57 -9.66 23.61 15.87
CA SER D 57 -9.35 23.87 14.47
C SER D 57 -8.43 22.81 13.88
N LYS D 58 -7.50 22.26 14.66
CA LYS D 58 -6.63 21.24 14.09
C LYS D 58 -7.40 19.94 13.88
N ALA D 59 -8.38 19.67 14.74
CA ALA D 59 -9.31 18.57 14.50
C ALA D 59 -10.12 18.80 13.22
N MET D 60 -10.48 20.06 12.96
CA MET D 60 -11.21 20.41 11.75
C MET D 60 -10.34 20.13 10.53
N GLY D 61 -9.04 20.44 10.63
CA GLY D 61 -8.11 20.07 9.59
C GLY D 61 -8.01 18.57 9.40
N ILE D 62 -8.09 17.80 10.49
CA ILE D 62 -8.08 16.35 10.40
C ILE D 62 -9.31 15.86 9.62
N MET D 63 -10.46 16.50 9.85
CA MET D 63 -11.65 16.19 9.04
C MET D 63 -11.46 16.54 7.57
N ASN D 64 -10.85 17.68 7.26
CA ASN D 64 -10.61 18.01 5.86
C ASN D 64 -9.69 16.98 5.20
N SER D 65 -8.67 16.53 5.94
CA SER D 65 -7.79 15.48 5.41
C SER D 65 -8.55 14.18 5.21
N PHE D 66 -9.46 13.85 6.14
CA PHE D 66 -10.29 12.65 5.98
C PHE D 66 -11.12 12.71 4.71
N VAL D 67 -11.86 13.80 4.52
CA VAL D 67 -12.78 13.85 3.39
C VAL D 67 -12.02 13.94 2.07
N ASN D 68 -10.90 14.67 2.05
CA ASN D 68 -10.10 14.74 0.83
C ASN D 68 -9.48 13.39 0.51
N ASP D 69 -9.01 12.67 1.53
CA ASP D 69 -8.43 11.34 1.31
C ASP D 69 -9.45 10.36 0.77
N ILE D 70 -10.62 10.29 1.41
CA ILE D 70 -11.64 9.35 0.96
C ILE D 70 -12.14 9.73 -0.43
N PHE D 71 -12.22 11.03 -0.69
CA PHE D 71 -12.60 11.50 -2.02
C PHE D 71 -11.61 11.04 -3.08
N GLU D 72 -10.31 11.17 -2.81
CA GLU D 72 -9.31 10.71 -3.77
C GLU D 72 -9.35 9.19 -3.96
N ARG D 73 -9.54 8.43 -2.87
CA ARG D 73 -9.63 6.97 -3.00
C ARG D 73 -10.81 6.56 -3.88
N ILE D 74 -11.99 7.12 -3.61
CA ILE D 74 -13.18 6.75 -4.36
C ILE D 74 -13.06 7.22 -5.81
N ALA D 75 -12.49 8.40 -6.04
CA ALA D 75 -12.36 8.90 -7.40
C ALA D 75 -11.36 8.09 -8.20
N GLY D 76 -10.27 7.65 -7.56
CA GLY D 76 -9.32 6.79 -8.24
C GLY D 76 -9.91 5.43 -8.59
N GLU D 77 -10.68 4.85 -7.67
CA GLU D 77 -11.37 3.60 -7.99
C GLU D 77 -12.40 3.79 -9.08
N ALA D 78 -13.06 4.96 -9.10
CA ALA D 78 -14.04 5.24 -10.15
C ALA D 78 -13.37 5.33 -11.51
N SER D 79 -12.23 6.01 -11.58
CA SER D 79 -11.50 6.10 -12.84
C SER D 79 -10.99 4.73 -13.28
N ARG D 80 -10.53 3.92 -12.31
CA ARG D 80 -10.02 2.59 -12.62
C ARG D 80 -11.12 1.69 -13.18
N LEU D 81 -12.30 1.72 -12.57
CA LEU D 81 -13.41 0.89 -13.06
C LEU D 81 -13.97 1.41 -14.37
N ALA D 82 -13.98 2.73 -14.58
CA ALA D 82 -14.41 3.25 -15.86
C ALA D 82 -13.45 2.82 -16.96
N HIS D 83 -12.17 2.73 -16.64
CA HIS D 83 -11.19 2.18 -17.57
C HIS D 83 -11.44 0.70 -17.84
N TYR D 84 -11.73 -0.08 -16.80
CA TYR D 84 -11.78 -1.53 -16.97
C TYR D 84 -13.00 -1.99 -17.75
N ASN D 85 -14.13 -1.32 -17.53
CA ASN D 85 -15.30 -1.52 -18.37
C ASN D 85 -15.26 -0.63 -19.60
N LYS D 86 -14.15 0.10 -19.79
CA LYS D 86 -13.90 0.94 -20.96
C LYS D 86 -14.99 1.98 -21.13
N ARG D 87 -15.50 2.46 -20.01
CA ARG D 87 -16.61 3.37 -19.97
C ARG D 87 -16.08 4.79 -19.87
N SER D 88 -16.66 5.69 -20.65
CA SER D 88 -16.18 7.06 -20.67
C SER D 88 -16.76 7.89 -19.54
N THR D 89 -17.79 7.39 -18.86
CA THR D 89 -18.64 8.18 -17.99
C THR D 89 -18.56 7.68 -16.55
N ILE D 90 -18.26 8.58 -15.60
CA ILE D 90 -18.40 8.27 -14.19
C ILE D 90 -19.85 8.45 -13.74
N THR D 91 -20.51 7.34 -13.41
CA THR D 91 -21.89 7.31 -12.90
C THR D 91 -21.90 6.78 -11.47
N SER D 92 -23.09 6.86 -10.86
CA SER D 92 -23.28 6.42 -9.47
C SER D 92 -23.07 4.92 -9.32
N ARG D 93 -23.26 4.17 -10.41
CA ARG D 93 -23.36 2.72 -10.30
C ARG D 93 -21.98 2.10 -10.06
N GLU D 94 -20.97 2.56 -10.79
CA GLU D 94 -19.61 2.11 -10.55
C GLU D 94 -19.00 2.70 -9.28
N ILE D 95 -19.40 3.90 -8.86
CA ILE D 95 -18.84 4.35 -7.58
C ILE D 95 -19.50 3.61 -6.43
N GLN D 96 -20.73 3.13 -6.64
CA GLN D 96 -21.32 2.17 -5.70
C GLN D 96 -20.47 0.92 -5.62
N THR D 97 -20.04 0.43 -6.79
CA THR D 97 -19.12 -0.71 -6.83
C THR D 97 -17.84 -0.40 -6.08
N ALA D 98 -17.31 0.81 -6.25
CA ALA D 98 -16.07 1.21 -5.59
C ALA D 98 -16.24 1.31 -4.08
N VAL D 99 -17.39 1.78 -3.62
CA VAL D 99 -17.66 1.85 -2.19
C VAL D 99 -17.77 0.45 -1.60
N ARG D 100 -18.39 -0.46 -2.35
CA ARG D 100 -18.43 -1.85 -1.90
C ARG D 100 -17.03 -2.46 -1.88
N LEU D 101 -16.14 -1.98 -2.74
CA LEU D 101 -14.76 -2.44 -2.68
C LEU D 101 -14.03 -1.87 -1.46
N LEU D 102 -13.93 -0.55 -1.36
CA LEU D 102 -13.04 0.06 -0.39
C LEU D 102 -13.64 0.09 1.00
N LEU D 103 -14.77 0.72 1.14
CA LEU D 103 -15.41 0.79 2.44
C LEU D 103 -16.00 -0.57 2.79
N PRO D 104 -15.66 -1.13 3.95
CA PRO D 104 -16.16 -2.47 4.28
C PRO D 104 -17.55 -2.47 4.89
N GLY D 105 -18.23 -3.60 4.72
CA GLY D 105 -19.34 -4.04 5.56
C GLY D 105 -20.48 -3.11 5.89
N GLU D 106 -20.59 -2.79 7.19
CA GLU D 106 -21.80 -2.16 7.69
C GLU D 106 -21.95 -0.73 7.19
N LEU D 107 -20.88 0.07 7.27
CA LEU D 107 -20.88 1.39 6.65
C LEU D 107 -21.08 1.30 5.14
N ALA D 108 -20.56 0.24 4.52
CA ALA D 108 -20.74 0.09 3.08
C ALA D 108 -22.21 -0.05 2.71
N LYS D 109 -22.91 -0.96 3.39
CA LYS D 109 -24.31 -1.18 3.02
C LYS D 109 -25.20 0.00 3.44
N HIS D 110 -24.90 0.61 4.59
CA HIS D 110 -25.71 1.76 5.00
C HIS D 110 -25.44 2.97 4.13
N ALA D 111 -24.17 3.20 3.75
CA ALA D 111 -23.83 4.29 2.86
C ALA D 111 -24.46 4.09 1.49
N VAL D 112 -24.49 2.84 1.02
CA VAL D 112 -25.26 2.51 -0.17
C VAL D 112 -26.71 2.90 0.01
N SER D 113 -27.27 2.62 1.19
CA SER D 113 -28.67 2.95 1.43
C SER D 113 -28.93 4.45 1.34
N GLU D 114 -28.11 5.26 2.02
CA GLU D 114 -28.34 6.71 2.00
C GLU D 114 -28.06 7.28 0.61
N GLY D 115 -27.07 6.74 -0.08
CA GLY D 115 -26.78 7.23 -1.42
C GLY D 115 -27.87 6.91 -2.41
N THR D 116 -28.43 5.71 -2.34
CA THR D 116 -29.55 5.38 -3.21
C THR D 116 -30.76 6.23 -2.88
N LYS D 117 -31.02 6.48 -1.59
CA LYS D 117 -32.10 7.39 -1.23
C LYS D 117 -31.87 8.78 -1.81
N ALA D 118 -30.63 9.26 -1.73
CA ALA D 118 -30.32 10.60 -2.22
C ALA D 118 -30.44 10.68 -3.73
N VAL D 119 -29.99 9.66 -4.46
CA VAL D 119 -30.02 9.74 -5.91
C VAL D 119 -31.46 9.54 -6.41
N THR D 120 -32.27 8.80 -5.66
CA THR D 120 -33.69 8.74 -6.02
C THR D 120 -34.38 10.06 -5.74
N LYS D 121 -33.99 10.73 -4.67
CA LYS D 121 -34.57 12.05 -4.39
C LYS D 121 -34.17 13.06 -5.45
N TYR D 122 -32.92 13.03 -5.89
CA TYR D 122 -32.48 13.92 -6.96
C TYR D 122 -33.13 13.53 -8.29
N THR D 123 -33.44 12.24 -8.45
CA THR D 123 -34.20 11.79 -9.61
C THR D 123 -35.58 12.43 -9.62
N SER D 124 -36.17 12.59 -8.46
CA SER D 124 -37.40 13.36 -8.30
C SER D 124 -37.14 14.86 -8.21
N ALA D 125 -35.97 15.33 -8.66
CA ALA D 125 -35.56 16.73 -8.67
C ALA D 125 -35.67 17.38 -7.29
N LYS E 38 13.89 5.84 56.66
CA LYS E 38 14.27 5.28 55.37
C LYS E 38 13.39 5.88 54.28
N PRO E 39 14.01 6.47 53.26
CA PRO E 39 13.24 7.10 52.18
C PRO E 39 12.47 6.07 51.38
N HIS E 40 11.27 6.46 50.95
CA HIS E 40 10.44 5.59 50.15
C HIS E 40 11.06 5.36 48.78
N ARG E 41 10.98 4.13 48.30
CA ARG E 41 11.53 3.76 46.99
C ARG E 41 10.59 2.75 46.37
N TYR E 42 10.09 3.05 45.18
CA TYR E 42 9.17 2.15 44.51
C TYR E 42 9.93 0.95 43.96
N ARG E 43 9.25 -0.19 43.91
CA ARG E 43 9.84 -1.37 43.28
C ARG E 43 9.99 -1.14 41.78
N PRO E 44 10.97 -1.80 41.16
CA PRO E 44 11.19 -1.61 39.71
C PRO E 44 9.97 -2.03 38.90
N GLY E 45 9.60 -1.16 37.95
CA GLY E 45 8.44 -1.36 37.12
C GLY E 45 7.21 -0.56 37.56
N THR E 46 7.11 -0.21 38.84
CA THR E 46 5.95 0.52 39.33
C THR E 46 5.87 1.91 38.72
N VAL E 47 6.96 2.68 38.83
CA VAL E 47 7.02 3.98 38.20
C VAL E 47 7.00 3.82 36.69
N ALA E 48 7.51 2.70 36.17
CA ALA E 48 7.45 2.44 34.74
C ALA E 48 6.00 2.31 34.27
N LEU E 49 5.18 1.57 35.00
CA LEU E 49 3.77 1.43 34.59
C LEU E 49 2.99 2.71 34.81
N ARG E 50 3.35 3.47 35.84
CA ARG E 50 2.72 4.78 36.00
C ARG E 50 3.12 5.72 34.86
N GLU E 51 4.36 5.60 34.37
CA GLU E 51 4.77 6.29 33.16
C GLU E 51 3.97 5.82 31.96
N ILE E 52 3.69 4.51 31.89
CA ILE E 52 2.91 3.96 30.78
C ILE E 52 1.55 4.63 30.72
N ARG E 53 0.86 4.67 31.87
CA ARG E 53 -0.46 5.29 31.93
C ARG E 53 -0.39 6.77 31.65
N ARG E 54 0.62 7.46 32.21
CA ARG E 54 0.73 8.90 32.07
C ARG E 54 1.00 9.31 30.63
N TYR E 55 1.99 8.69 30.00
CA TYR E 55 2.34 9.04 28.64
C TYR E 55 1.37 8.48 27.62
N GLN E 56 0.58 7.46 27.99
CA GLN E 56 -0.37 6.92 27.04
C GLN E 56 -1.70 7.64 27.09
N LYS E 57 -2.05 8.23 28.24
CA LYS E 57 -3.23 9.07 28.27
C LYS E 57 -2.96 10.42 27.61
N SER E 58 -1.70 10.85 27.60
CA SER E 58 -1.35 12.16 27.11
C SER E 58 -1.16 12.13 25.60
N THR E 59 -1.26 13.31 24.99
CA THR E 59 -0.99 13.48 23.57
C THR E 59 0.16 14.43 23.29
N GLU E 60 0.65 15.13 24.30
CA GLU E 60 1.66 16.16 24.09
C GLU E 60 3.00 15.54 23.72
N LEU E 61 3.88 16.37 23.16
CA LEU E 61 5.02 15.90 22.40
C LEU E 61 6.08 15.24 23.28
N LEU E 62 6.83 14.31 22.69
CA LEU E 62 7.84 13.51 23.37
C LEU E 62 9.27 13.81 22.92
N ILE E 63 9.45 14.37 21.74
CA ILE E 63 10.77 14.74 21.26
C ILE E 63 10.98 16.24 21.43
N ARG E 64 12.11 16.61 22.02
CA ARG E 64 12.50 18.01 22.08
C ARG E 64 12.66 18.53 20.66
N LYS E 65 11.92 19.61 20.35
CA LYS E 65 11.68 19.98 18.96
C LYS E 65 12.91 20.60 18.32
N LEU E 66 13.75 21.27 19.10
CA LEU E 66 14.86 21.98 18.48
C LEU E 66 16.04 21.06 18.15
N PRO E 67 16.49 20.12 19.01
CA PRO E 67 17.49 19.15 18.54
C PRO E 67 16.99 18.29 17.39
N PHE E 68 15.70 17.97 17.38
CA PHE E 68 15.11 17.30 16.23
C PHE E 68 15.21 18.14 14.97
N GLN E 69 14.89 19.44 15.08
CA GLN E 69 14.95 20.31 13.91
C GLN E 69 16.38 20.48 13.41
N ARG E 70 17.34 20.48 14.34
CA ARG E 70 18.74 20.45 13.97
C ARG E 70 19.08 19.18 13.20
N LEU E 71 18.56 18.03 13.64
CA LEU E 71 18.79 16.78 12.93
C LEU E 71 18.16 16.80 11.54
N VAL E 72 16.96 17.38 11.45
CA VAL E 72 16.26 17.49 10.17
C VAL E 72 17.06 18.34 9.19
N ARG E 73 17.55 19.50 9.65
CA ARG E 73 18.31 20.37 8.77
C ARG E 73 19.66 19.74 8.42
N GLU E 74 20.24 18.98 9.34
CA GLU E 74 21.50 18.28 9.06
C GLU E 74 21.32 17.25 7.96
N ILE E 75 20.25 16.46 8.03
CA ILE E 75 20.01 15.46 7.00
C ILE E 75 19.59 16.13 5.70
N ALA E 76 18.86 17.24 5.79
CA ALA E 76 18.39 17.93 4.60
C ALA E 76 19.54 18.55 3.81
N GLN E 77 20.50 19.16 4.51
CA GLN E 77 21.62 19.79 3.83
C GLN E 77 22.58 18.77 3.23
N ASP E 78 22.48 17.50 3.63
CA ASP E 78 23.25 16.45 3.00
C ASP E 78 22.75 16.09 1.61
N PHE E 79 21.53 16.51 1.26
CA PHE E 79 20.92 16.16 -0.01
C PHE E 79 20.77 17.37 -0.92
N LYS E 80 20.29 18.47 -0.36
CA LYS E 80 20.28 19.76 -1.04
C LYS E 80 20.69 20.81 -0.02
N THR E 81 21.64 21.66 -0.40
CA THR E 81 22.11 22.67 0.54
C THR E 81 21.14 23.83 0.62
N ASP E 82 21.21 24.57 1.74
CA ASP E 82 20.48 25.81 1.98
C ASP E 82 18.96 25.61 1.93
N LEU E 83 18.48 24.44 2.37
CA LEU E 83 17.04 24.24 2.44
C LEU E 83 16.44 25.02 3.60
N ARG E 84 15.28 25.60 3.35
CA ARG E 84 14.55 26.33 4.37
C ARG E 84 13.28 25.58 4.71
N PHE E 85 12.89 25.67 5.98
CA PHE E 85 11.82 24.83 6.51
C PHE E 85 10.67 25.67 7.03
N GLN E 86 9.47 25.38 6.55
CA GLN E 86 8.27 25.82 7.26
C GLN E 86 8.20 25.07 8.58
N SER E 87 7.67 25.75 9.61
CA SER E 87 7.59 25.10 10.92
C SER E 87 6.62 23.94 10.90
N SER E 88 5.52 24.09 10.15
CA SER E 88 4.55 23.01 10.01
C SER E 88 5.13 21.80 9.30
N ALA E 89 6.05 22.01 8.35
CA ALA E 89 6.74 20.90 7.71
C ALA E 89 7.56 20.11 8.72
N VAL E 90 8.26 20.83 9.60
CA VAL E 90 8.97 20.19 10.70
C VAL E 90 8.01 19.41 11.57
N MET E 91 6.88 20.04 11.93
CA MET E 91 5.90 19.44 12.84
C MET E 91 5.36 18.13 12.29
N ALA E 92 4.95 18.15 11.02
CA ALA E 92 4.46 16.94 10.37
C ALA E 92 5.53 15.88 10.34
N LEU E 93 6.76 16.28 9.99
CA LEU E 93 7.89 15.31 9.95
C LEU E 93 7.99 14.69 11.33
N GLN E 94 7.76 15.51 12.36
CA GLN E 94 7.82 15.00 13.75
C GLN E 94 6.64 14.05 13.97
N GLU E 95 5.40 14.51 13.85
CA GLU E 95 4.23 13.64 14.16
C GLU E 95 4.40 12.27 13.49
N ALA E 96 4.75 12.26 12.19
CA ALA E 96 4.96 11.03 11.46
C ALA E 96 6.06 10.16 12.10
N SER E 97 7.15 10.78 12.59
CA SER E 97 8.22 9.95 13.14
C SER E 97 7.80 9.25 14.42
N GLU E 98 7.17 9.97 15.37
CA GLU E 98 6.69 9.29 16.56
C GLU E 98 5.61 8.27 16.22
N ALA E 99 4.80 8.53 15.18
CA ALA E 99 3.84 7.52 14.75
C ALA E 99 4.53 6.24 14.31
N TYR E 100 5.56 6.38 13.48
CA TYR E 100 6.28 5.22 12.97
C TYR E 100 6.97 4.47 14.09
N LEU E 101 7.61 5.22 15.00
CA LEU E 101 8.31 4.60 16.12
C LEU E 101 7.36 3.86 17.04
N VAL E 102 6.22 4.46 17.39
CA VAL E 102 5.32 3.78 18.33
C VAL E 102 4.69 2.57 17.66
N GLY E 103 4.52 2.62 16.34
CA GLY E 103 4.13 1.40 15.63
C GLY E 103 5.15 0.30 15.81
N LEU E 104 6.44 0.65 15.69
CA LEU E 104 7.49 -0.33 15.94
C LEU E 104 7.51 -0.83 17.37
N PHE E 105 7.31 0.04 18.37
CA PHE E 105 7.38 -0.50 19.73
C PHE E 105 6.13 -1.27 20.12
N GLU E 106 4.96 -0.98 19.56
CA GLU E 106 3.82 -1.87 19.76
C GLU E 106 4.10 -3.24 19.17
N ASP E 107 4.65 -3.27 17.95
CA ASP E 107 5.03 -4.54 17.35
C ASP E 107 6.12 -5.23 18.18
N THR E 108 7.03 -4.44 18.73
CA THR E 108 8.13 -4.97 19.53
C THR E 108 7.61 -5.57 20.83
N ASN E 109 6.64 -4.92 21.46
CA ASN E 109 6.04 -5.46 22.67
C ASN E 109 5.33 -6.77 22.39
N LEU E 110 4.59 -6.83 21.27
CA LEU E 110 3.87 -8.06 20.93
C LEU E 110 4.84 -9.20 20.65
N ALA E 111 5.91 -8.92 19.91
CA ALA E 111 6.88 -9.96 19.60
C ALA E 111 7.70 -10.33 20.84
N ALA E 112 7.89 -9.39 21.75
CA ALA E 112 8.66 -9.67 22.97
C ALA E 112 7.88 -10.55 23.92
N ILE E 113 6.59 -10.26 24.09
CA ILE E 113 5.77 -11.14 24.92
C ILE E 113 5.51 -12.45 24.19
N HIS E 114 5.66 -12.44 22.86
CA HIS E 114 5.70 -13.70 22.13
C HIS E 114 6.97 -14.47 22.46
N ALA E 115 8.06 -13.77 22.78
CA ALA E 115 9.32 -14.39 23.11
C ALA E 115 9.48 -14.69 24.59
N LYS E 116 8.39 -14.62 25.37
CA LYS E 116 8.36 -14.89 26.80
C LYS E 116 9.30 -13.98 27.59
N ARG E 117 9.58 -12.79 27.09
CA ARG E 117 10.37 -11.82 27.82
C ARG E 117 9.58 -10.54 28.01
N VAL E 118 10.08 -9.68 28.88
CA VAL E 118 9.55 -8.33 29.03
C VAL E 118 10.55 -7.26 28.64
N THR E 119 11.82 -7.60 28.46
CA THR E 119 12.83 -6.64 28.04
C THR E 119 13.05 -6.77 26.53
N ILE E 120 13.02 -5.64 25.84
CA ILE E 120 13.17 -5.63 24.39
C ILE E 120 14.65 -5.63 24.03
N MET E 121 14.99 -6.29 22.93
CA MET E 121 16.37 -6.47 22.50
C MET E 121 16.47 -6.12 21.02
N PRO E 122 17.68 -5.77 20.53
CA PRO E 122 17.81 -5.33 19.13
C PRO E 122 17.35 -6.30 18.07
N LYS E 123 17.48 -7.60 18.33
CA LYS E 123 16.98 -8.60 17.40
C LYS E 123 15.46 -8.51 17.25
N ASP E 124 14.77 -8.01 18.28
CA ASP E 124 13.32 -7.87 18.19
C ASP E 124 12.93 -6.76 17.23
N ILE E 125 13.62 -5.62 17.29
CA ILE E 125 13.32 -4.52 16.36
C ILE E 125 13.69 -4.91 14.94
N GLN E 126 14.81 -5.64 14.81
CA GLN E 126 15.19 -6.18 13.50
C GLN E 126 14.12 -7.12 12.97
N LEU E 127 13.56 -7.98 13.84
CA LEU E 127 12.50 -8.88 13.46
C LEU E 127 11.26 -8.12 13.01
N ALA E 128 10.90 -7.08 13.76
CA ALA E 128 9.71 -6.31 13.44
C ALA E 128 9.85 -5.62 12.09
N ARG E 129 11.03 -5.07 11.83
CA ARG E 129 11.27 -4.45 10.53
C ARG E 129 11.25 -5.47 9.41
N ARG E 130 11.79 -6.67 9.66
CA ARG E 130 11.82 -7.67 8.60
C ARG E 130 10.42 -8.22 8.31
N ILE E 131 9.59 -8.38 9.34
CA ILE E 131 8.22 -8.83 9.13
C ILE E 131 7.43 -7.75 8.40
N ARG E 132 7.67 -6.48 8.74
CA ARG E 132 7.04 -5.41 7.98
C ARG E 132 7.62 -5.27 6.58
N GLY E 133 8.72 -5.95 6.28
CA GLY E 133 9.37 -5.81 5.00
C GLY E 133 10.27 -4.60 4.88
N GLU E 134 10.71 -4.05 6.01
CA GLU E 134 11.53 -2.86 6.01
C GLU E 134 12.95 -3.21 5.57
N LYS F 21 27.23 26.75 10.92
CA LYS F 21 26.53 26.58 9.65
C LYS F 21 26.21 25.11 9.39
N VAL F 22 27.25 24.31 9.20
CA VAL F 22 27.07 22.88 8.98
C VAL F 22 26.88 22.19 10.33
N LEU F 23 26.24 21.02 10.28
CA LEU F 23 25.98 20.22 11.47
C LEU F 23 26.54 18.83 11.26
N ARG F 24 27.06 18.24 12.33
CA ARG F 24 27.75 16.96 12.23
C ARG F 24 27.18 15.90 13.16
N ASP F 25 26.52 16.31 14.26
CA ASP F 25 26.02 15.36 15.26
C ASP F 25 24.74 15.91 15.87
N ASN F 26 23.60 15.43 15.38
CA ASN F 26 22.33 15.70 16.03
C ASN F 26 21.48 14.45 16.20
N ILE F 27 21.99 13.28 15.85
CA ILE F 27 21.29 12.04 16.15
C ILE F 27 21.24 11.81 17.65
N GLN F 28 22.22 12.34 18.39
CA GLN F 28 22.19 12.28 19.84
C GLN F 28 21.21 13.28 20.44
N GLY F 29 20.67 14.20 19.64
CA GLY F 29 19.60 15.06 20.09
C GLY F 29 18.31 14.33 20.40
N ILE F 30 18.12 13.14 19.84
CA ILE F 30 17.06 12.23 20.28
C ILE F 30 17.65 11.52 21.49
N THR F 31 17.45 12.11 22.66
CA THR F 31 18.10 11.64 23.87
C THR F 31 17.51 10.30 24.33
N LYS F 32 18.30 9.59 25.12
CA LYS F 32 17.85 8.36 25.76
C LYS F 32 16.60 8.51 26.62
N PRO F 33 16.44 9.56 27.45
CA PRO F 33 15.13 9.75 28.09
C PRO F 33 13.99 9.98 27.12
N ALA F 34 14.25 10.64 25.98
CA ALA F 34 13.21 10.82 24.97
C ALA F 34 12.80 9.48 24.37
N ILE F 35 13.79 8.61 24.11
CA ILE F 35 13.50 7.28 23.61
C ILE F 35 12.75 6.46 24.67
N ARG F 36 13.10 6.69 25.94
CA ARG F 36 12.37 6.05 27.03
C ARG F 36 10.92 6.50 27.06
N ARG F 37 10.66 7.78 26.84
CA ARG F 37 9.29 8.27 26.75
C ARG F 37 8.55 7.62 25.59
N LEU F 38 9.23 7.49 24.44
CA LEU F 38 8.62 6.84 23.29
C LEU F 38 8.27 5.40 23.59
N ALA F 39 9.15 4.70 24.30
CA ALA F 39 8.90 3.32 24.67
C ALA F 39 7.74 3.23 25.67
N ARG F 40 7.63 4.21 26.57
CA ARG F 40 6.50 4.23 27.49
C ARG F 40 5.19 4.48 26.75
N ARG F 41 5.23 5.29 25.68
CA ARG F 41 4.03 5.42 24.85
C ARG F 41 3.72 4.13 24.12
N GLY F 42 4.74 3.38 23.71
CA GLY F 42 4.50 2.12 23.05
C GLY F 42 4.14 0.98 23.98
N GLY F 43 4.11 1.21 25.28
CA GLY F 43 3.80 0.15 26.20
C GLY F 43 4.97 -0.73 26.57
N VAL F 44 6.19 -0.25 26.41
CA VAL F 44 7.38 -1.05 26.69
C VAL F 44 7.63 -1.02 28.20
N LYS F 45 7.75 -2.20 28.78
CA LYS F 45 7.97 -2.32 30.21
C LYS F 45 9.42 -2.12 30.59
N ARG F 46 10.34 -2.72 29.85
CA ARG F 46 11.77 -2.66 30.17
C ARG F 46 12.55 -2.41 28.89
N ILE F 47 13.52 -1.52 28.97
CA ILE F 47 14.26 -1.05 27.81
C ILE F 47 15.71 -1.44 27.99
N SER F 48 16.28 -2.15 27.02
CA SER F 48 17.70 -2.44 27.09
C SER F 48 18.51 -1.21 26.70
N GLY F 49 19.78 -1.22 27.12
CA GLY F 49 20.67 -0.12 26.77
C GLY F 49 21.09 -0.11 25.32
N LEU F 50 21.01 -1.25 24.64
CA LEU F 50 21.39 -1.33 23.24
C LEU F 50 20.28 -0.85 22.31
N ILE F 51 19.10 -0.55 22.85
CA ILE F 51 17.97 -0.18 22.02
C ILE F 51 18.17 1.18 21.38
N TYR F 52 18.76 2.12 22.12
CA TYR F 52 18.67 3.54 21.81
C TYR F 52 19.38 3.90 20.51
N GLU F 53 20.59 3.38 20.30
CA GLU F 53 21.32 3.69 19.07
C GLU F 53 20.67 3.02 17.87
N GLU F 54 20.04 1.87 18.09
CA GLU F 54 19.30 1.21 17.02
C GLU F 54 18.09 2.03 16.61
N THR F 55 17.37 2.56 17.60
CA THR F 55 16.24 3.43 17.31
C THR F 55 16.70 4.70 16.61
N ARG F 56 17.88 5.20 16.98
CA ARG F 56 18.47 6.32 16.25
C ARG F 56 18.71 5.95 14.80
N GLY F 57 19.25 4.75 14.53
CA GLY F 57 19.49 4.34 13.16
C GLY F 57 18.21 4.16 12.37
N VAL F 58 17.21 3.52 12.98
CA VAL F 58 15.95 3.24 12.30
C VAL F 58 15.19 4.54 12.02
N LEU F 59 15.17 5.43 13.01
CA LEU F 59 14.57 6.73 12.83
C LEU F 59 15.27 7.52 11.75
N LYS F 60 16.62 7.44 11.72
CA LYS F 60 17.39 8.09 10.67
C LYS F 60 17.02 7.56 9.30
N VAL F 61 16.85 6.23 9.20
CA VAL F 61 16.46 5.60 7.94
C VAL F 61 15.10 6.12 7.48
N PHE F 62 14.13 6.17 8.40
CA PHE F 62 12.79 6.59 8.00
C PHE F 62 12.78 8.07 7.62
N LEU F 63 13.47 8.90 8.41
CA LEU F 63 13.43 10.33 8.13
C LEU F 63 14.16 10.66 6.83
N GLU F 64 15.24 9.93 6.53
CA GLU F 64 15.92 10.19 5.26
C GLU F 64 15.09 9.68 4.09
N ASN F 65 14.38 8.55 4.29
CA ASN F 65 13.55 7.99 3.23
C ASN F 65 12.40 8.94 2.90
N VAL F 66 11.88 9.65 3.89
CA VAL F 66 10.79 10.56 3.59
C VAL F 66 11.33 11.93 3.15
N ILE F 67 12.51 12.31 3.62
CA ILE F 67 12.95 13.65 3.31
C ILE F 67 13.56 13.71 1.91
N ARG F 68 14.04 12.59 1.39
CA ARG F 68 14.46 12.57 -0.01
C ARG F 68 13.26 12.76 -0.93
N ASP F 69 12.12 12.18 -0.54
CA ASP F 69 10.89 12.44 -1.26
C ASP F 69 10.49 13.90 -1.15
N ALA F 70 10.58 14.46 0.06
CA ALA F 70 10.18 15.84 0.28
C ALA F 70 11.04 16.82 -0.52
N VAL F 71 12.35 16.59 -0.53
CA VAL F 71 13.22 17.48 -1.28
C VAL F 71 12.99 17.29 -2.77
N THR F 72 12.59 16.09 -3.20
CA THR F 72 12.24 15.87 -4.60
C THR F 72 11.02 16.70 -5.01
N TYR F 73 9.98 16.71 -4.17
CA TYR F 73 8.84 17.57 -4.47
C TYR F 73 9.23 19.05 -4.47
N THR F 74 10.09 19.47 -3.53
CA THR F 74 10.43 20.89 -3.48
C THR F 74 11.26 21.33 -4.69
N GLU F 75 12.18 20.48 -5.16
CA GLU F 75 12.94 20.88 -6.34
C GLU F 75 12.06 20.82 -7.58
N HIS F 76 11.08 19.90 -7.60
CA HIS F 76 10.19 19.87 -8.75
C HIS F 76 9.25 21.07 -8.76
N ALA F 77 8.89 21.57 -7.59
CA ALA F 77 8.03 22.74 -7.50
C ALA F 77 8.76 24.04 -7.80
N LYS F 78 10.07 23.97 -8.08
CA LYS F 78 10.95 25.11 -8.26
C LYS F 78 10.97 26.03 -7.05
N ARG F 79 10.75 25.47 -5.87
CA ARG F 79 10.85 26.20 -4.63
C ARG F 79 12.13 25.82 -3.89
N LYS F 80 12.59 26.73 -3.04
CA LYS F 80 13.76 26.50 -2.23
C LYS F 80 13.39 26.13 -0.80
N THR F 81 12.16 26.43 -0.37
CA THR F 81 11.71 26.19 0.98
C THR F 81 10.82 24.96 1.02
N VAL F 82 11.05 24.11 2.02
CA VAL F 82 10.25 22.90 2.20
C VAL F 82 8.90 23.28 2.78
N THR F 83 7.83 22.80 2.15
CA THR F 83 6.48 23.03 2.64
C THR F 83 5.92 21.75 3.24
N ALA F 84 4.94 21.94 4.13
CA ALA F 84 4.37 20.82 4.87
C ALA F 84 3.59 19.88 3.96
N MET F 85 2.96 20.43 2.94
CA MET F 85 2.05 19.65 2.11
C MET F 85 2.85 18.62 1.31
N ASP F 86 4.07 18.99 0.92
CA ASP F 86 4.98 18.06 0.27
C ASP F 86 5.39 16.93 1.22
N VAL F 87 5.58 17.26 2.49
CA VAL F 87 5.90 16.23 3.47
C VAL F 87 4.72 15.28 3.63
N VAL F 88 3.50 15.81 3.58
CA VAL F 88 2.31 14.97 3.65
C VAL F 88 2.26 14.02 2.45
N TYR F 89 2.59 14.53 1.26
CA TYR F 89 2.69 13.69 0.08
C TYR F 89 3.76 12.62 0.26
N ALA F 90 4.89 13.01 0.85
CA ALA F 90 6.01 12.10 1.04
C ALA F 90 5.65 10.99 2.01
N LEU F 91 4.84 11.28 3.01
CA LEU F 91 4.40 10.19 3.89
C LEU F 91 3.33 9.32 3.24
N LYS F 92 2.41 9.93 2.47
CA LYS F 92 1.32 9.12 1.95
C LYS F 92 1.78 8.25 0.78
N ARG F 93 2.92 8.60 0.17
CA ARG F 93 3.46 7.73 -0.88
C ARG F 93 3.89 6.39 -0.30
N GLN F 94 4.51 6.40 0.87
CA GLN F 94 4.76 5.16 1.61
C GLN F 94 3.56 4.68 2.39
N GLY F 95 2.36 5.21 2.14
CA GLY F 95 1.18 4.72 2.80
C GLY F 95 1.15 4.96 4.29
N ARG F 96 1.73 6.06 4.75
CA ARG F 96 1.76 6.41 6.15
C ARG F 96 1.10 7.76 6.36
N THR F 97 -0.09 7.89 5.77
CA THR F 97 -0.76 9.16 5.59
C THR F 97 -1.06 9.83 6.93
N LEU F 98 -0.67 11.10 7.04
CA LEU F 98 -0.85 11.88 8.25
C LEU F 98 -1.96 12.89 7.97
N TYR F 99 -2.92 12.95 8.88
CA TYR F 99 -4.07 13.84 8.73
C TYR F 99 -3.89 15.13 9.51
N GLY F 100 -4.44 16.20 8.96
CA GLY F 100 -4.65 17.43 9.69
C GLY F 100 -3.82 18.60 9.21
N PHE F 101 -2.85 18.41 8.34
CA PHE F 101 -2.00 19.51 7.86
C PHE F 101 -2.12 19.73 6.38
N GLY F 102 -3.04 19.05 5.71
CA GLY F 102 -3.32 19.36 4.32
C GLY F 102 -4.12 20.64 4.18
N GLY F 103 -3.81 21.39 3.13
CA GLY F 103 -4.53 22.63 2.86
C GLY F 103 -4.17 23.76 3.81
N ALA G 28 5.29 15.35 -52.50
CA ALA G 28 4.03 15.88 -51.96
C ALA G 28 4.03 15.78 -50.44
N ARG G 29 4.54 14.67 -49.93
CA ARG G 29 4.58 14.40 -48.49
C ARG G 29 5.89 13.72 -48.16
N ALA G 30 6.47 14.08 -47.02
CA ALA G 30 7.70 13.44 -46.58
C ALA G 30 7.44 11.99 -46.19
N LYS G 31 8.49 11.19 -46.29
CA LYS G 31 8.41 9.79 -45.89
C LYS G 31 8.17 9.70 -44.40
N ALA G 32 7.20 8.87 -44.01
CA ALA G 32 6.88 8.71 -42.60
C ALA G 32 8.02 8.02 -41.87
N LYS G 33 8.45 8.64 -40.77
CA LYS G 33 9.60 8.15 -40.01
C LYS G 33 9.14 7.98 -38.57
N THR G 34 9.40 6.81 -38.00
CA THR G 34 8.87 6.47 -36.69
C THR G 34 9.60 7.24 -35.60
N ARG G 35 8.85 7.62 -34.57
CA ARG G 35 9.40 8.43 -33.50
C ARG G 35 10.31 7.61 -32.58
N SER G 36 10.08 6.30 -32.51
CA SER G 36 10.98 5.42 -31.76
C SER G 36 12.36 5.40 -32.41
N SER G 37 12.41 5.45 -33.74
CA SER G 37 13.69 5.56 -34.43
C SER G 37 14.32 6.93 -34.20
N ARG G 38 13.50 7.97 -34.06
CA ARG G 38 14.02 9.29 -33.69
C ARG G 38 14.64 9.26 -32.31
N ALA G 39 14.00 8.57 -31.37
CA ALA G 39 14.58 8.40 -30.05
C ALA G 39 15.56 7.25 -29.99
N GLY G 40 15.72 6.48 -31.06
CA GLY G 40 16.60 5.34 -31.05
C GLY G 40 16.18 4.25 -30.08
N LEU G 41 14.89 4.06 -29.88
CA LEU G 41 14.37 3.17 -28.86
C LEU G 41 13.52 2.08 -29.48
N GLN G 42 13.43 0.95 -28.79
CA GLN G 42 12.62 -0.16 -29.28
C GLN G 42 11.16 -0.02 -28.86
N PHE G 43 10.90 0.63 -27.73
CA PHE G 43 9.53 0.78 -27.28
C PHE G 43 8.80 1.85 -28.09
N PRO G 44 7.52 1.63 -28.39
CA PRO G 44 6.79 2.54 -29.28
C PRO G 44 6.49 3.87 -28.61
N VAL G 45 7.03 4.94 -29.16
CA VAL G 45 6.72 6.29 -28.69
C VAL G 45 5.25 6.60 -28.93
N GLY G 46 4.74 6.27 -30.11
CA GLY G 46 3.37 6.62 -30.45
C GLY G 46 2.35 5.87 -29.60
N ARG G 47 2.59 4.58 -29.36
CA ARG G 47 1.64 3.80 -28.58
C ARG G 47 1.60 4.24 -27.12
N VAL G 48 2.77 4.47 -26.51
CA VAL G 48 2.81 4.92 -25.12
C VAL G 48 2.24 6.32 -25.00
N HIS G 49 2.48 7.15 -26.01
CA HIS G 49 1.89 8.48 -26.07
C HIS G 49 0.36 8.41 -26.12
N ARG G 50 -0.16 7.51 -26.94
CA ARG G 50 -1.61 7.29 -27.01
C ARG G 50 -2.15 6.75 -25.70
N LEU G 51 -1.38 5.87 -25.04
CA LEU G 51 -1.81 5.31 -23.77
C LEU G 51 -1.88 6.38 -22.69
N LEU G 52 -0.92 7.30 -22.67
CA LEU G 52 -1.02 8.43 -21.76
C LEU G 52 -2.21 9.32 -22.11
N ARG G 53 -2.49 9.51 -23.40
CA ARG G 53 -3.60 10.38 -23.78
C ARG G 53 -4.94 9.80 -23.37
N LYS G 54 -5.12 8.49 -23.52
CA LYS G 54 -6.31 7.82 -23.02
C LYS G 54 -6.13 7.21 -21.63
N GLY G 55 -5.01 7.47 -20.98
CA GLY G 55 -4.86 7.00 -19.61
C GLY G 55 -5.37 7.94 -18.55
N ASN G 56 -5.92 9.09 -18.95
CA ASN G 56 -6.61 10.03 -18.06
C ASN G 56 -5.71 10.55 -16.95
N TYR G 57 -4.47 10.86 -17.28
CA TYR G 57 -3.53 11.36 -16.29
C TYR G 57 -3.37 12.88 -16.34
N SER G 58 -3.48 13.47 -17.52
CA SER G 58 -3.46 14.91 -17.65
C SER G 58 -4.30 15.26 -18.87
N GLU G 59 -4.78 16.50 -18.91
CA GLU G 59 -5.54 16.94 -20.07
C GLU G 59 -4.65 17.11 -21.28
N ARG G 60 -3.37 17.40 -21.09
CA ARG G 60 -2.44 17.60 -22.18
C ARG G 60 -1.09 17.03 -21.79
N VAL G 61 -0.42 16.44 -22.78
CA VAL G 61 0.84 15.73 -22.55
C VAL G 61 1.93 16.39 -23.39
N GLY G 62 3.08 16.65 -22.77
CA GLY G 62 4.21 17.14 -23.51
C GLY G 62 4.78 16.09 -24.44
N ALA G 63 5.50 16.56 -25.45
CA ALA G 63 6.00 15.66 -26.49
C ALA G 63 7.11 14.75 -25.96
N GLY G 64 8.01 15.29 -25.17
CA GLY G 64 9.15 14.51 -24.72
C GLY G 64 8.88 13.55 -23.60
N ALA G 65 7.76 13.72 -22.89
CA ALA G 65 7.45 12.85 -21.76
C ALA G 65 7.24 11.38 -22.14
N PRO G 66 6.47 11.01 -23.18
CA PRO G 66 6.42 9.59 -23.54
C PRO G 66 7.75 9.07 -24.04
N VAL G 67 8.56 9.90 -24.67
CA VAL G 67 9.89 9.49 -25.10
C VAL G 67 10.74 9.13 -23.90
N TYR G 68 10.72 10.00 -22.89
CA TYR G 68 11.45 9.76 -21.66
C TYR G 68 10.96 8.52 -20.95
N LEU G 69 9.64 8.34 -20.90
CA LEU G 69 9.06 7.19 -20.23
C LEU G 69 9.41 5.89 -20.95
N ALA G 70 9.39 5.91 -22.28
CA ALA G 70 9.75 4.75 -23.07
C ALA G 70 11.22 4.40 -22.88
N ALA G 71 12.08 5.41 -22.77
CA ALA G 71 13.49 5.15 -22.49
C ALA G 71 13.68 4.53 -21.11
N VAL G 72 12.94 5.03 -20.12
CA VAL G 72 13.04 4.48 -18.77
C VAL G 72 12.60 3.03 -18.74
N LEU G 73 11.46 2.72 -19.38
CA LEU G 73 10.99 1.35 -19.45
C LEU G 73 11.95 0.48 -20.24
N GLU G 74 12.56 1.03 -21.29
CA GLU G 74 13.47 0.24 -22.11
C GLU G 74 14.72 -0.13 -21.33
N TYR G 75 15.23 0.80 -20.51
CA TYR G 75 16.33 0.47 -19.62
C TYR G 75 15.94 -0.59 -18.61
N LEU G 76 14.73 -0.47 -18.05
CA LEU G 76 14.28 -1.43 -17.05
C LEU G 76 14.16 -2.83 -17.62
N THR G 77 13.49 -2.96 -18.76
CA THR G 77 13.37 -4.27 -19.40
C THR G 77 14.72 -4.79 -19.86
N ALA G 78 15.61 -3.90 -20.30
CA ALA G 78 16.93 -4.32 -20.74
C ALA G 78 17.73 -4.94 -19.59
N GLU G 79 17.73 -4.30 -18.43
CA GLU G 79 18.51 -4.82 -17.32
C GLU G 79 17.88 -6.10 -16.75
N ILE G 80 16.54 -6.15 -16.67
CA ILE G 80 15.94 -7.34 -16.09
C ILE G 80 16.05 -8.52 -17.07
N LEU G 81 16.05 -8.24 -18.37
CA LEU G 81 16.23 -9.32 -19.33
C LEU G 81 17.69 -9.78 -19.37
N GLU G 82 18.63 -8.87 -19.13
CA GLU G 82 20.03 -9.27 -18.99
C GLU G 82 20.20 -10.19 -17.79
N LEU G 83 19.57 -9.84 -16.67
CA LEU G 83 19.64 -10.69 -15.49
C LEU G 83 18.98 -12.04 -15.74
N ALA G 84 17.84 -12.04 -16.44
CA ALA G 84 17.15 -13.28 -16.74
C ALA G 84 17.97 -14.17 -17.66
N GLY G 85 18.63 -13.58 -18.66
CA GLY G 85 19.46 -14.35 -19.55
C GLY G 85 20.67 -14.94 -18.86
N ASN G 86 21.27 -14.16 -17.95
CA ASN G 86 22.40 -14.67 -17.18
C ASN G 86 21.96 -15.82 -16.27
N ALA G 87 20.78 -15.68 -15.66
CA ALA G 87 20.26 -16.73 -14.79
C ALA G 87 19.92 -18.00 -15.58
N ALA G 88 19.38 -17.83 -16.79
CA ALA G 88 19.08 -18.98 -17.63
C ALA G 88 20.35 -19.66 -18.12
N ARG G 89 21.38 -18.86 -18.41
CA ARG G 89 22.68 -19.41 -18.79
C ARG G 89 23.30 -20.17 -17.62
N ASP G 90 23.04 -19.72 -16.40
CA ASP G 90 23.43 -20.50 -15.23
C ASP G 90 22.69 -21.83 -15.21
N ASN G 91 21.43 -21.84 -15.64
CA ASN G 91 20.64 -23.07 -15.65
C ASN G 91 20.78 -23.85 -16.93
N LYS G 92 21.66 -23.40 -17.85
CA LYS G 92 21.93 -24.06 -19.14
C LYS G 92 20.68 -24.16 -20.00
N LYS G 93 19.82 -23.14 -19.94
CA LYS G 93 18.61 -23.09 -20.74
C LYS G 93 18.65 -21.85 -21.63
N THR G 94 18.31 -22.02 -22.90
CA THR G 94 18.39 -20.89 -23.81
C THR G 94 17.12 -20.05 -23.83
N ARG G 95 16.05 -20.49 -23.18
CA ARG G 95 14.81 -19.75 -23.13
C ARG G 95 14.46 -19.43 -21.69
N ILE G 96 14.06 -18.18 -21.44
CA ILE G 96 13.88 -17.72 -20.06
C ILE G 96 12.64 -18.37 -19.47
N ILE G 97 12.65 -18.57 -18.16
CA ILE G 97 11.63 -19.30 -17.43
C ILE G 97 11.13 -18.35 -16.34
N PRO G 98 9.86 -18.44 -15.93
CA PRO G 98 9.41 -17.67 -14.76
C PRO G 98 10.21 -17.95 -13.50
N ARG G 99 10.74 -19.16 -13.35
CA ARG G 99 11.65 -19.45 -12.24
C ARG G 99 12.88 -18.56 -12.31
N HIS G 100 13.43 -18.39 -13.51
CA HIS G 100 14.57 -17.50 -13.71
C HIS G 100 14.19 -16.06 -13.40
N LEU G 101 12.96 -15.68 -13.70
CA LEU G 101 12.50 -14.33 -13.41
C LEU G 101 12.42 -14.08 -11.90
N GLN G 102 11.90 -15.07 -11.16
CA GLN G 102 11.86 -14.96 -9.70
C GLN G 102 13.26 -14.89 -9.11
N LEU G 103 14.18 -15.70 -9.66
CA LEU G 103 15.57 -15.64 -9.24
C LEU G 103 16.18 -14.28 -9.55
N ALA G 104 15.79 -13.67 -10.68
CA ALA G 104 16.30 -12.37 -11.04
C ALA G 104 15.79 -11.28 -10.10
N ILE G 105 14.50 -11.33 -9.77
CA ILE G 105 13.91 -10.28 -8.92
C ILE G 105 14.46 -10.38 -7.50
N ARG G 106 14.48 -11.58 -6.93
CA ARG G 106 14.76 -11.67 -5.51
C ARG G 106 16.25 -11.64 -5.20
N ASN G 107 17.11 -12.00 -6.16
CA ASN G 107 18.55 -11.92 -5.93
C ASN G 107 19.12 -10.52 -6.21
N ASP G 108 18.30 -9.58 -6.67
CA ASP G 108 18.70 -8.20 -6.76
C ASP G 108 17.99 -7.42 -5.67
N GLU G 109 18.77 -6.77 -4.81
CA GLU G 109 18.19 -6.06 -3.67
C GLU G 109 17.41 -4.85 -4.16
N GLU G 110 17.91 -4.17 -5.19
CA GLU G 110 17.32 -2.90 -5.59
C GLU G 110 16.00 -3.12 -6.35
N LEU G 111 15.96 -4.13 -7.21
CA LEU G 111 14.70 -4.53 -7.83
C LEU G 111 13.74 -5.14 -6.81
N ASN G 112 14.25 -5.83 -5.79
CA ASN G 112 13.38 -6.35 -4.76
C ASN G 112 12.75 -5.21 -3.97
N LYS G 113 13.51 -4.14 -3.72
CA LYS G 113 12.94 -2.95 -3.10
C LYS G 113 11.94 -2.28 -4.02
N LEU G 114 12.17 -2.35 -5.32
CA LEU G 114 11.15 -1.92 -6.27
C LEU G 114 9.92 -2.82 -6.22
N LEU G 115 10.13 -4.13 -6.12
CA LEU G 115 9.07 -5.12 -6.31
C LEU G 115 8.90 -6.06 -5.13
N GLY G 116 8.84 -5.52 -3.91
CA GLY G 116 8.63 -6.38 -2.75
C GLY G 116 7.22 -6.94 -2.66
N ARG G 117 6.26 -6.25 -3.29
CA ARG G 117 4.85 -6.56 -3.12
C ARG G 117 4.28 -7.34 -4.31
N VAL G 118 5.13 -7.85 -5.20
CA VAL G 118 4.65 -8.45 -6.44
C VAL G 118 4.69 -9.97 -6.29
N THR G 119 3.84 -10.64 -7.06
CA THR G 119 3.81 -12.10 -7.11
C THR G 119 3.98 -12.56 -8.55
N ILE G 120 4.90 -13.50 -8.76
CA ILE G 120 5.20 -14.04 -10.08
C ILE G 120 4.60 -15.43 -10.16
N ALA G 121 3.85 -15.69 -11.23
CA ALA G 121 3.26 -17.00 -11.43
C ALA G 121 4.34 -18.04 -11.70
N GLN G 122 4.24 -19.17 -10.97
CA GLN G 122 5.14 -20.31 -11.08
C GLN G 122 6.60 -19.94 -10.83
N GLY G 123 6.83 -18.93 -9.99
CA GLY G 123 8.17 -18.45 -9.77
C GLY G 123 8.88 -19.13 -8.61
N GLY G 124 8.12 -19.58 -7.62
CA GLY G 124 8.78 -20.12 -6.45
C GLY G 124 9.41 -19.01 -5.62
N VAL G 125 10.41 -19.40 -4.83
CA VAL G 125 11.17 -18.49 -3.99
C VAL G 125 12.65 -18.83 -4.09
N LEU G 126 13.47 -18.02 -3.43
CA LEU G 126 14.90 -18.28 -3.38
C LEU G 126 15.20 -19.52 -2.55
N PRO G 127 16.28 -20.23 -2.86
CA PRO G 127 16.79 -21.23 -1.92
C PRO G 127 17.32 -20.52 -0.68
N ASN G 128 16.62 -20.70 0.43
CA ASN G 128 16.87 -19.92 1.63
C ASN G 128 16.54 -20.79 2.82
N ILE G 129 17.56 -21.21 3.56
CA ILE G 129 17.41 -22.03 4.75
C ILE G 129 18.04 -21.26 5.90
N GLN G 130 17.33 -21.17 7.02
CA GLN G 130 17.89 -20.48 8.18
C GLN G 130 19.01 -21.33 8.77
N ALA G 131 20.01 -20.65 9.32
CA ALA G 131 21.25 -21.33 9.73
C ALA G 131 21.02 -22.28 10.89
N VAL G 132 20.11 -21.94 11.80
CA VAL G 132 19.80 -22.81 12.91
C VAL G 132 19.07 -24.08 12.45
N LEU G 133 18.39 -24.03 11.30
CA LEU G 133 17.71 -25.20 10.77
C LEU G 133 18.66 -26.27 10.28
N LEU G 134 19.90 -25.90 9.97
CA LEU G 134 20.91 -26.85 9.56
C LEU G 134 21.36 -27.72 10.73
N PRO G 135 21.80 -28.94 10.47
CA PRO G 135 22.34 -29.78 11.55
C PRO G 135 23.65 -29.25 12.08
N LYS G 136 24.02 -29.74 13.27
CA LYS G 136 25.21 -29.34 14.02
C LYS G 136 25.26 -27.84 14.28
N LYS H 31 -12.81 -14.70 -37.02
CA LYS H 31 -12.57 -13.27 -36.84
C LYS H 31 -12.65 -12.85 -35.39
N ARG H 32 -11.56 -12.35 -34.84
CA ARG H 32 -11.55 -11.77 -33.52
C ARG H 32 -10.93 -10.38 -33.59
N SER H 33 -11.10 -9.62 -32.52
CA SER H 33 -10.59 -8.26 -32.42
C SER H 33 -9.12 -8.30 -32.01
N ARG H 34 -8.31 -7.45 -32.63
CA ARG H 34 -6.88 -7.45 -32.35
C ARG H 34 -6.59 -7.00 -30.93
N LYS H 35 -5.66 -7.69 -30.27
CA LYS H 35 -5.34 -7.44 -28.88
C LYS H 35 -3.91 -6.92 -28.79
N GLU H 36 -3.75 -5.82 -28.05
CA GLU H 36 -2.47 -5.13 -27.97
C GLU H 36 -1.47 -5.91 -27.13
N SER H 37 -0.20 -5.83 -27.51
CA SER H 37 0.87 -6.52 -26.80
C SER H 37 2.19 -5.79 -26.96
N TYR H 38 3.15 -6.15 -26.11
CA TYR H 38 4.53 -5.71 -26.19
C TYR H 38 5.49 -6.83 -26.58
N SER H 39 5.04 -7.83 -27.32
CA SER H 39 5.88 -8.98 -27.62
C SER H 39 7.06 -8.61 -28.51
N VAL H 40 6.81 -7.82 -29.56
CA VAL H 40 7.84 -7.54 -30.55
C VAL H 40 8.91 -6.61 -29.99
N TYR H 41 8.53 -5.67 -29.13
CA TYR H 41 9.51 -4.73 -28.60
C TYR H 41 10.42 -5.40 -27.61
N VAL H 42 9.84 -6.19 -26.70
CA VAL H 42 10.62 -6.94 -25.72
C VAL H 42 11.50 -7.95 -26.43
N TYR H 43 11.00 -8.52 -27.54
CA TYR H 43 11.79 -9.47 -28.31
C TYR H 43 13.00 -8.78 -28.94
N LYS H 44 12.81 -7.59 -29.48
CA LYS H 44 13.92 -6.82 -30.04
C LYS H 44 14.94 -6.45 -28.96
N VAL H 45 14.45 -6.06 -27.79
CA VAL H 45 15.34 -5.70 -26.68
C VAL H 45 16.14 -6.92 -26.22
N LEU H 46 15.49 -8.08 -26.16
CA LEU H 46 16.19 -9.30 -25.77
C LEU H 46 17.27 -9.66 -26.77
N LYS H 47 16.95 -9.57 -28.08
CA LYS H 47 17.98 -9.82 -29.08
C LYS H 47 19.09 -8.79 -29.04
N GLN H 48 18.79 -7.56 -28.61
CA GLN H 48 19.84 -6.56 -28.42
C GLN H 48 20.75 -6.92 -27.27
N VAL H 49 20.19 -7.39 -26.15
CA VAL H 49 21.04 -7.67 -25.00
C VAL H 49 21.60 -9.09 -25.05
N HIS H 50 20.90 -10.00 -25.73
CA HIS H 50 21.29 -11.41 -25.79
C HIS H 50 20.82 -11.97 -27.11
N PRO H 51 21.71 -12.02 -28.11
CA PRO H 51 21.31 -12.56 -29.43
C PRO H 51 20.92 -14.04 -29.39
N ASP H 52 21.37 -14.78 -28.39
CA ASP H 52 21.23 -16.23 -28.37
C ASP H 52 20.08 -16.74 -27.50
N THR H 53 19.30 -15.89 -26.86
CA THR H 53 18.37 -16.35 -25.83
C THR H 53 16.92 -16.29 -26.30
N GLY H 54 16.12 -17.22 -25.80
CA GLY H 54 14.70 -17.28 -26.08
C GLY H 54 13.84 -16.91 -24.91
N ILE H 55 12.53 -17.05 -25.11
CA ILE H 55 11.55 -16.75 -24.07
C ILE H 55 10.54 -17.88 -24.00
N SER H 56 9.89 -18.01 -22.85
CA SER H 56 8.64 -18.75 -22.74
C SER H 56 7.47 -17.77 -22.77
N SER H 57 6.29 -18.28 -23.14
CA SER H 57 5.12 -17.41 -23.25
C SER H 57 4.65 -16.94 -21.87
N LYS H 58 4.82 -17.78 -20.85
CA LYS H 58 4.49 -17.36 -19.49
C LYS H 58 5.39 -16.23 -19.03
N ALA H 59 6.68 -16.32 -19.36
CA ALA H 59 7.60 -15.23 -19.06
C ALA H 59 7.20 -13.96 -19.79
N MET H 60 6.70 -14.08 -21.01
CA MET H 60 6.24 -12.89 -21.73
C MET H 60 4.98 -12.31 -21.10
N GLY H 61 4.10 -13.17 -20.58
CA GLY H 61 2.96 -12.65 -19.85
C GLY H 61 3.37 -11.88 -18.61
N ILE H 62 4.39 -12.39 -17.90
CA ILE H 62 4.94 -11.65 -16.76
C ILE H 62 5.53 -10.33 -17.21
N MET H 63 6.20 -10.32 -18.37
CA MET H 63 6.75 -9.06 -18.89
C MET H 63 5.67 -8.06 -19.27
N ASN H 64 4.58 -8.52 -19.87
CA ASN H 64 3.50 -7.61 -20.22
C ASN H 64 2.88 -7.02 -18.96
N SER H 65 2.64 -7.88 -17.95
CA SER H 65 2.13 -7.40 -16.67
C SER H 65 3.12 -6.43 -16.01
N PHE H 66 4.41 -6.73 -16.12
CA PHE H 66 5.45 -5.87 -15.56
C PHE H 66 5.44 -4.50 -16.20
N VAL H 67 5.49 -4.44 -17.53
CA VAL H 67 5.64 -3.16 -18.19
C VAL H 67 4.37 -2.35 -18.04
N ASN H 68 3.20 -3.00 -18.12
CA ASN H 68 1.95 -2.31 -17.87
C ASN H 68 1.86 -1.81 -16.43
N ASP H 69 2.37 -2.59 -15.47
CA ASP H 69 2.34 -2.18 -14.08
C ASP H 69 3.23 -0.98 -13.81
N ILE H 70 4.47 -1.02 -14.31
CA ILE H 70 5.39 0.09 -14.10
C ILE H 70 4.90 1.33 -14.82
N PHE H 71 4.35 1.16 -16.02
CA PHE H 71 3.76 2.27 -16.75
C PHE H 71 2.62 2.91 -15.97
N GLU H 72 1.76 2.07 -15.38
CA GLU H 72 0.66 2.57 -14.57
C GLU H 72 1.16 3.33 -13.35
N ARG H 73 2.17 2.78 -12.67
CA ARG H 73 2.72 3.42 -11.47
C ARG H 73 3.31 4.78 -11.79
N ILE H 74 4.18 4.84 -12.80
CA ILE H 74 4.86 6.09 -13.12
C ILE H 74 3.86 7.11 -13.64
N ALA H 75 2.94 6.68 -14.49
CA ALA H 75 1.97 7.61 -15.07
C ALA H 75 1.03 8.17 -14.02
N GLY H 76 0.54 7.33 -13.10
CA GLY H 76 -0.32 7.84 -12.04
C GLY H 76 0.42 8.76 -11.09
N GLU H 77 1.67 8.42 -10.78
CA GLU H 77 2.46 9.28 -9.91
C GLU H 77 2.69 10.64 -10.55
N ALA H 78 3.03 10.64 -11.85
CA ALA H 78 3.17 11.89 -12.57
C ALA H 78 1.86 12.66 -12.62
N SER H 79 0.74 11.94 -12.72
CA SER H 79 -0.57 12.60 -12.72
C SER H 79 -0.80 13.36 -11.42
N ARG H 80 -0.47 12.74 -10.29
CA ARG H 80 -0.67 13.46 -9.04
C ARG H 80 0.36 14.57 -8.84
N LEU H 81 1.57 14.43 -9.39
CA LEU H 81 2.48 15.57 -9.43
C LEU H 81 1.93 16.73 -10.26
N ALA H 82 1.29 16.42 -11.38
CA ALA H 82 0.67 17.47 -12.17
C ALA H 82 -0.48 18.11 -11.42
N HIS H 83 -1.18 17.30 -10.62
CA HIS H 83 -2.19 17.82 -9.73
C HIS H 83 -1.62 18.76 -8.68
N TYR H 84 -0.44 18.43 -8.15
CA TYR H 84 0.02 19.06 -6.92
C TYR H 84 0.61 20.44 -7.20
N ASN H 85 1.26 20.60 -8.34
CA ASN H 85 1.72 21.91 -8.79
C ASN H 85 0.69 22.63 -9.62
N LYS H 86 -0.51 22.05 -9.75
CA LYS H 86 -1.63 22.61 -10.50
C LYS H 86 -1.29 22.80 -11.97
N ARG H 87 -0.36 21.99 -12.48
CA ARG H 87 -0.01 21.99 -13.88
C ARG H 87 -0.92 21.04 -14.64
N SER H 88 -1.61 21.56 -15.64
CA SER H 88 -2.45 20.74 -16.48
C SER H 88 -1.68 20.12 -17.64
N THR H 89 -0.38 20.40 -17.72
CA THR H 89 0.50 19.83 -18.73
C THR H 89 1.50 18.91 -18.05
N ILE H 90 1.63 17.70 -18.54
CA ILE H 90 2.63 16.77 -18.03
C ILE H 90 3.84 16.85 -18.94
N THR H 91 5.04 16.88 -18.35
CA THR H 91 6.28 16.94 -19.11
C THR H 91 7.23 15.84 -18.65
N SER H 92 8.35 15.73 -19.37
CA SER H 92 9.38 14.76 -19.01
C SER H 92 10.08 15.14 -17.73
N ARG H 93 10.04 16.42 -17.34
CA ARG H 93 10.50 16.82 -16.02
C ARG H 93 9.68 16.14 -14.93
N GLU H 94 8.36 16.11 -15.11
CA GLU H 94 7.48 15.41 -14.17
C GLU H 94 7.77 13.92 -14.14
N ILE H 95 8.00 13.34 -15.32
CA ILE H 95 8.27 11.91 -15.39
C ILE H 95 9.59 11.60 -14.69
N GLN H 96 10.58 12.48 -14.87
CA GLN H 96 11.87 12.33 -14.20
C GLN H 96 11.72 12.44 -12.70
N THR H 97 10.89 13.37 -12.24
CA THR H 97 10.60 13.49 -10.81
C THR H 97 9.97 12.22 -10.27
N ALA H 98 9.05 11.64 -11.03
CA ALA H 98 8.40 10.40 -10.59
C ALA H 98 9.39 9.24 -10.56
N VAL H 99 10.30 9.18 -11.54
CA VAL H 99 11.29 8.10 -11.57
C VAL H 99 12.25 8.23 -10.40
N ARG H 100 12.74 9.44 -10.13
CA ARG H 100 13.61 9.65 -8.98
C ARG H 100 12.89 9.38 -7.67
N LEU H 101 11.58 9.63 -7.63
CA LEU H 101 10.83 9.42 -6.42
C LEU H 101 10.57 7.93 -6.17
N LEU H 102 10.25 7.18 -7.22
CA LEU H 102 9.79 5.81 -7.04
C LEU H 102 10.91 4.80 -7.16
N LEU H 103 11.76 4.94 -8.16
CA LEU H 103 12.80 3.94 -8.37
C LEU H 103 13.91 4.10 -7.35
N PRO H 104 14.19 3.07 -6.54
CA PRO H 104 15.24 3.18 -5.53
C PRO H 104 16.62 3.13 -6.18
N GLY H 105 17.60 3.73 -5.52
CA GLY H 105 19.00 3.62 -5.85
C GLY H 105 19.44 4.16 -7.20
N GLU H 106 20.45 3.53 -7.78
CA GLU H 106 21.05 4.08 -9.00
C GLU H 106 20.25 3.70 -10.24
N LEU H 107 19.23 2.85 -10.07
CA LEU H 107 18.27 2.61 -11.14
C LEU H 107 17.65 3.92 -11.59
N ALA H 108 17.36 4.81 -10.63
CA ALA H 108 16.79 6.10 -10.94
C ALA H 108 17.72 6.94 -11.80
N LYS H 109 18.98 7.09 -11.38
CA LYS H 109 19.90 7.95 -12.10
C LYS H 109 20.29 7.36 -13.44
N HIS H 110 20.39 6.02 -13.54
CA HIS H 110 20.59 5.40 -14.84
C HIS H 110 19.41 5.66 -15.76
N ALA H 111 18.19 5.58 -15.23
CA ALA H 111 17.00 5.88 -16.02
C ALA H 111 16.99 7.34 -16.46
N VAL H 112 17.42 8.24 -15.57
CA VAL H 112 17.49 9.65 -15.90
C VAL H 112 18.52 9.88 -17.00
N SER H 113 19.66 9.21 -16.93
CA SER H 113 20.69 9.34 -17.95
C SER H 113 20.18 8.85 -19.31
N GLU H 114 19.58 7.66 -19.33
CA GLU H 114 19.08 7.10 -20.59
C GLU H 114 17.95 7.96 -21.17
N GLY H 115 17.02 8.39 -20.32
CA GLY H 115 15.94 9.22 -20.80
C GLY H 115 16.41 10.59 -21.25
N THR H 116 17.41 11.14 -20.57
CA THR H 116 17.97 12.41 -20.98
C THR H 116 18.63 12.32 -22.34
N LYS H 117 19.39 11.23 -22.56
CA LYS H 117 19.99 11.01 -23.86
C LYS H 117 18.93 10.86 -24.94
N ALA H 118 17.85 10.12 -24.62
CA ALA H 118 16.78 9.90 -25.58
C ALA H 118 16.06 11.21 -25.91
N VAL H 119 15.81 12.04 -24.90
CA VAL H 119 15.15 13.32 -25.11
C VAL H 119 16.02 14.23 -25.96
N THR H 120 17.33 14.27 -25.68
CA THR H 120 18.22 15.12 -26.47
C THR H 120 18.30 14.66 -27.92
N LYS H 121 18.47 13.37 -28.17
CA LYS H 121 18.63 12.95 -29.56
C LYS H 121 17.29 12.88 -30.28
N TYR H 122 16.18 12.90 -29.53
CA TYR H 122 14.89 13.14 -30.17
C TYR H 122 14.73 14.60 -30.53
N THR H 123 15.22 15.49 -29.66
CA THR H 123 15.13 16.92 -29.93
C THR H 123 15.98 17.30 -31.13
N SER H 124 17.15 16.69 -31.26
CA SER H 124 17.99 16.89 -32.44
C SER H 124 17.41 16.26 -33.69
N ALA H 125 16.53 15.28 -33.55
CA ALA H 125 15.91 14.64 -34.69
C ALA H 125 14.43 15.01 -34.79
#